data_4Z0M
#
_entry.id   4Z0M
#
_cell.length_a   136.708
_cell.length_b   136.708
_cell.length_c   125.802
_cell.angle_alpha   90.00
_cell.angle_beta   90.00
_cell.angle_gamma   120.00
#
_symmetry.space_group_name_H-M   'P 31 2 1'
#
loop_
_entity.id
_entity.type
_entity.pdbx_description
1 polymer 'Enoyl-CoA hydratase'
2 water water
#
_entity_poly.entity_id   1
_entity_poly.type   'polypeptide(L)'
_entity_poly.pdbx_seq_one_letter_code
;MSDLVRVERKGRVTTVILNRPASRNAVNGPTAAALCAAFEQFDRDDAASVAVLWGAGGTFCAGADLKAFGTPEANSVHRT
GPGPMGPSRMMLSKPVIAAVSGYAVAGGLELALWCDLRVAEEDAVFGVFCRRWGVPLIDGGTVRLPRLIGHSRAMDMILT
GRGVPADEALAMGLANRVVPKGQARQAAEELAAQLAALPQQCLRSDRLSALHQWGLPESAALDLEFASIARVAGEALEGA
RRFAAGAGRHGAPAPRAEQGDTLHHHHHH
;
_entity_poly.pdbx_strand_id   A,B,C
#
# COMPACT_ATOMS: atom_id res chain seq x y z
N ASP A 3 -26.90 -22.78 17.87
CA ASP A 3 -26.29 -22.76 16.48
C ASP A 3 -24.94 -21.95 16.39
N LEU A 4 -24.06 -22.42 15.54
CA LEU A 4 -22.66 -21.95 15.49
C LEU A 4 -22.57 -20.58 14.80
N VAL A 5 -23.41 -20.40 13.80
CA VAL A 5 -23.48 -19.19 13.01
C VAL A 5 -24.97 -18.85 12.83
N ARG A 6 -25.34 -17.61 13.11
CA ARG A 6 -26.71 -17.15 12.84
C ARG A 6 -26.67 -16.11 11.76
N VAL A 7 -27.73 -16.05 10.99
CA VAL A 7 -27.81 -15.10 9.92
C VAL A 7 -29.04 -14.24 10.21
N GLU A 8 -28.91 -12.92 10.27
CA GLU A 8 -30.10 -12.03 10.44
C GLU A 8 -30.13 -10.99 9.37
N ARG A 9 -31.31 -10.63 8.92
CA ARG A 9 -31.50 -9.76 7.76
C ARG A 9 -32.15 -8.48 8.32
N LYS A 10 -31.64 -7.31 8.00
CA LYS A 10 -32.26 -6.05 8.38
C LYS A 10 -32.22 -5.11 7.17
N GLY A 11 -33.34 -4.93 6.50
CA GLY A 11 -33.34 -4.18 5.24
C GLY A 11 -32.54 -4.96 4.20
N ARG A 12 -31.63 -4.29 3.56
CA ARG A 12 -30.76 -4.86 2.57
C ARG A 12 -29.41 -5.32 3.12
N VAL A 13 -29.33 -5.49 4.44
CA VAL A 13 -28.10 -5.80 5.12
C VAL A 13 -28.27 -7.12 5.77
N THR A 14 -27.39 -8.05 5.40
CA THR A 14 -27.31 -9.34 6.05
C THR A 14 -26.16 -9.39 7.06
N THR A 15 -26.47 -9.74 8.28
CA THR A 15 -25.48 -9.92 9.30
C THR A 15 -25.26 -11.39 9.61
N VAL A 16 -24.00 -11.77 9.51
CA VAL A 16 -23.52 -13.12 9.72
C VAL A 16 -22.84 -13.06 11.04
N ILE A 17 -23.36 -13.84 11.95
CA ILE A 17 -22.99 -13.81 13.36
C ILE A 17 -22.30 -15.07 13.79
N LEU A 18 -21.07 -14.91 14.22
CA LEU A 18 -20.29 -15.97 14.87
C LEU A 18 -20.74 -16.04 16.32
N ASN A 19 -21.18 -17.21 16.71
CA ASN A 19 -21.94 -17.40 17.95
C ASN A 19 -21.36 -18.48 18.81
N ARG A 20 -20.05 -18.44 19.12
CA ARG A 20 -19.44 -19.35 20.10
C ARG A 20 -18.68 -18.56 21.15
N PRO A 21 -19.38 -17.69 21.89
CA PRO A 21 -18.61 -16.84 22.83
C PRO A 21 -17.84 -17.62 23.87
N ALA A 22 -18.28 -18.78 24.27
CA ALA A 22 -17.50 -19.58 25.25
C ALA A 22 -16.13 -20.09 24.72
N SER A 23 -15.98 -20.21 23.41
CA SER A 23 -14.71 -20.52 22.77
C SER A 23 -14.01 -19.24 22.22
N ARG A 24 -14.45 -18.05 22.63
CA ARG A 24 -13.98 -16.78 22.05
C ARG A 24 -14.20 -16.71 20.54
N ASN A 25 -15.28 -17.31 20.09
CA ASN A 25 -15.63 -17.33 18.70
C ASN A 25 -14.54 -17.89 17.79
N ALA A 26 -13.82 -18.87 18.32
CA ALA A 26 -12.96 -19.75 17.52
C ALA A 26 -13.80 -20.52 16.47
N VAL A 27 -13.22 -20.78 15.31
CA VAL A 27 -13.87 -21.37 14.25
C VAL A 27 -13.35 -22.78 14.08
N ASN A 28 -14.20 -23.75 14.28
CA ASN A 28 -13.90 -25.13 13.91
C ASN A 28 -14.46 -25.48 12.55
N GLY A 29 -14.32 -26.73 12.16
CA GLY A 29 -14.85 -27.23 10.86
C GLY A 29 -16.29 -26.94 10.53
N PRO A 30 -17.22 -27.36 11.37
CA PRO A 30 -18.63 -27.04 11.13
C PRO A 30 -18.98 -25.53 11.21
N THR A 31 -18.29 -24.77 12.03
CA THR A 31 -18.44 -23.31 11.97
C THR A 31 -17.99 -22.72 10.62
N ALA A 32 -16.85 -23.11 10.16
CA ALA A 32 -16.36 -22.67 8.88
C ALA A 32 -17.32 -23.01 7.77
N ALA A 33 -17.87 -24.21 7.78
CA ALA A 33 -18.81 -24.63 6.75
C ALA A 33 -20.09 -23.78 6.84
N ALA A 34 -20.58 -23.52 8.01
CA ALA A 34 -21.73 -22.61 8.17
C ALA A 34 -21.44 -21.17 7.74
N LEU A 35 -20.22 -20.66 7.94
CA LEU A 35 -19.85 -19.35 7.43
C LEU A 35 -19.81 -19.34 5.96
N CYS A 36 -19.25 -20.40 5.34
CA CYS A 36 -19.29 -20.43 3.88
C CYS A 36 -20.69 -20.46 3.35
N ALA A 37 -21.55 -21.29 3.92
CA ALA A 37 -22.91 -21.35 3.42
C ALA A 37 -23.62 -20.00 3.55
N ALA A 38 -23.39 -19.30 4.67
CA ALA A 38 -24.06 -18.00 4.87
C ALA A 38 -23.61 -17.02 3.79
N PHE A 39 -22.32 -16.95 3.51
CA PHE A 39 -21.86 -16.04 2.51
C PHE A 39 -22.19 -16.44 1.09
N GLU A 40 -22.19 -17.73 0.78
CA GLU A 40 -22.65 -18.17 -0.55
C GLU A 40 -24.11 -17.81 -0.79
N GLN A 41 -24.94 -17.91 0.25
CA GLN A 41 -26.34 -17.58 0.15
C GLN A 41 -26.45 -16.05 -0.04
N PHE A 42 -25.68 -15.30 0.73
CA PHE A 42 -25.64 -13.81 0.54
C PHE A 42 -25.31 -13.44 -0.87
N ASP A 43 -24.24 -14.04 -1.41
CA ASP A 43 -23.72 -13.66 -2.72
C ASP A 43 -24.81 -13.76 -3.83
N ARG A 44 -25.73 -14.67 -3.66
CA ARG A 44 -26.82 -14.94 -4.63
C ARG A 44 -28.15 -14.32 -4.26
N ASP A 45 -28.27 -13.73 -3.08
CA ASP A 45 -29.56 -13.16 -2.63
C ASP A 45 -29.72 -11.74 -3.16
N ASP A 46 -30.60 -11.58 -4.12
CA ASP A 46 -30.82 -10.26 -4.76
C ASP A 46 -31.51 -9.25 -3.78
N ALA A 47 -32.08 -9.71 -2.70
CA ALA A 47 -32.62 -8.83 -1.69
C ALA A 47 -31.51 -8.31 -0.70
N ALA A 48 -30.29 -8.83 -0.74
CA ALA A 48 -29.22 -8.36 0.16
C ALA A 48 -28.11 -7.65 -0.60
N SER A 49 -27.69 -6.48 -0.14
CA SER A 49 -26.73 -5.68 -0.86
C SER A 49 -25.34 -5.71 -0.18
N VAL A 50 -25.32 -5.81 1.13
CA VAL A 50 -24.11 -5.63 1.90
C VAL A 50 -24.24 -6.57 3.06
N ALA A 51 -23.11 -7.13 3.45
CA ALA A 51 -23.11 -7.96 4.62
C ALA A 51 -22.22 -7.39 5.74
N VAL A 52 -22.52 -7.81 6.95
CA VAL A 52 -21.74 -7.50 8.09
C VAL A 52 -21.36 -8.78 8.77
N LEU A 53 -20.09 -8.94 9.18
CA LEU A 53 -19.63 -10.07 9.90
C LEU A 53 -19.34 -9.62 11.30
N TRP A 54 -19.97 -10.27 12.23
CA TRP A 54 -19.92 -9.89 13.65
C TRP A 54 -19.83 -11.12 14.63
N GLY A 55 -18.94 -11.05 15.60
CA GLY A 55 -18.86 -12.01 16.67
C GLY A 55 -19.76 -11.62 17.84
N ALA A 56 -20.57 -12.55 18.29
CA ALA A 56 -21.46 -12.37 19.47
C ALA A 56 -20.70 -12.43 20.75
N GLY A 57 -21.20 -11.71 21.77
CA GLY A 57 -20.73 -11.99 23.14
C GLY A 57 -19.47 -11.25 23.52
N GLY A 58 -19.14 -10.19 22.81
CA GLY A 58 -18.00 -9.41 23.20
C GLY A 58 -16.68 -9.57 22.50
N THR A 59 -16.56 -10.50 21.56
CA THR A 59 -15.32 -10.67 20.85
C THR A 59 -15.56 -11.10 19.41
N PHE A 60 -14.67 -10.73 18.49
CA PHE A 60 -14.90 -10.99 17.07
C PHE A 60 -14.58 -12.45 16.76
N CYS A 61 -13.34 -12.81 16.88
CA CYS A 61 -12.95 -14.19 16.49
C CYS A 61 -11.50 -14.41 16.88
N ALA A 62 -11.24 -15.53 17.56
CA ALA A 62 -9.93 -15.93 18.03
C ALA A 62 -9.18 -16.84 17.08
N GLY A 63 -9.70 -17.06 15.89
CA GLY A 63 -9.07 -17.86 14.87
C GLY A 63 -9.55 -19.30 14.87
N ALA A 64 -8.68 -20.20 14.47
CA ALA A 64 -9.09 -21.60 14.33
C ALA A 64 -9.21 -22.21 15.71
N ASP A 65 -10.07 -23.21 15.83
CA ASP A 65 -10.33 -23.86 17.10
C ASP A 65 -9.31 -24.96 17.29
N LEU A 66 -8.24 -24.64 17.97
CA LEU A 66 -7.12 -25.57 18.20
C LEU A 66 -7.50 -26.82 19.03
N LYS A 67 -8.35 -26.66 20.04
CA LYS A 67 -8.91 -27.75 20.82
C LYS A 67 -9.56 -28.85 19.94
N ALA A 68 -10.12 -28.47 18.80
CA ALA A 68 -10.77 -29.42 17.93
C ALA A 68 -9.84 -30.23 17.01
N PHE A 69 -8.55 -29.91 16.99
CA PHE A 69 -7.60 -30.65 16.14
C PHE A 69 -7.66 -32.10 16.57
N GLY A 70 -7.72 -33.01 15.61
CA GLY A 70 -7.90 -34.44 15.89
C GLY A 70 -9.24 -34.93 16.39
N THR A 71 -10.29 -34.13 16.24
CA THR A 71 -11.65 -34.55 16.51
C THR A 71 -12.33 -34.53 15.16
N PRO A 72 -13.53 -35.11 15.05
CA PRO A 72 -14.32 -34.88 13.83
C PRO A 72 -14.73 -33.38 13.54
N GLU A 73 -14.64 -32.49 14.53
CA GLU A 73 -14.91 -31.06 14.32
C GLU A 73 -13.69 -30.24 13.92
N ALA A 74 -12.58 -30.85 13.56
CA ALA A 74 -11.41 -30.11 13.23
C ALA A 74 -11.60 -29.30 12.00
N ASN A 75 -10.81 -28.24 11.85
CA ASN A 75 -10.88 -27.41 10.64
C ASN A 75 -10.50 -28.23 9.45
N SER A 76 -11.12 -28.00 8.30
CA SER A 76 -10.69 -28.71 7.08
C SER A 76 -9.65 -27.86 6.47
N VAL A 77 -8.52 -28.47 6.15
CA VAL A 77 -7.38 -27.81 5.65
C VAL A 77 -7.01 -28.43 4.31
N HIS A 78 -7.37 -27.77 3.20
CA HIS A 78 -7.15 -28.27 1.88
C HIS A 78 -6.74 -27.16 1.06
N ARG A 79 -5.96 -27.48 0.03
CA ARG A 79 -5.46 -26.54 -0.85
C ARG A 79 -6.48 -25.86 -1.76
N THR A 80 -7.60 -26.51 -2.02
CA THR A 80 -8.59 -25.91 -2.94
C THR A 80 -9.88 -25.93 -2.20
N GLY A 81 -10.90 -25.34 -2.82
CA GLY A 81 -12.19 -25.33 -2.16
C GLY A 81 -12.10 -24.22 -1.02
N PRO A 82 -13.00 -24.27 -0.05
CA PRO A 82 -13.05 -23.31 1.07
C PRO A 82 -11.80 -23.38 1.96
N GLY A 83 -11.31 -22.21 2.44
CA GLY A 83 -10.11 -22.17 3.29
C GLY A 83 -10.50 -22.67 4.65
N PRO A 84 -9.54 -22.85 5.53
CA PRO A 84 -9.83 -23.40 6.85
C PRO A 84 -10.79 -22.56 7.74
N MET A 85 -10.69 -21.21 7.66
CA MET A 85 -11.65 -20.32 8.38
C MET A 85 -13.03 -20.24 7.72
N GLY A 86 -13.21 -20.81 6.52
CA GLY A 86 -14.49 -20.78 5.83
C GLY A 86 -14.41 -19.92 4.58
N PRO A 87 -14.84 -18.62 4.63
CA PRO A 87 -15.01 -17.84 3.40
C PRO A 87 -13.81 -17.07 2.91
N SER A 88 -12.67 -17.29 3.50
CA SER A 88 -11.47 -16.47 3.28
C SER A 88 -10.89 -16.52 1.87
N ARG A 89 -11.26 -17.52 1.06
CA ARG A 89 -10.89 -17.52 -0.33
C ARG A 89 -12.00 -17.06 -1.24
N MET A 90 -13.14 -16.66 -0.76
CA MET A 90 -14.20 -16.27 -1.67
C MET A 90 -14.01 -14.86 -2.13
N MET A 91 -14.30 -14.61 -3.39
CA MET A 91 -14.36 -13.24 -3.89
C MET A 91 -15.90 -13.01 -4.07
N LEU A 92 -16.50 -12.26 -3.19
CA LEU A 92 -17.98 -11.98 -3.30
C LEU A 92 -18.21 -10.86 -4.25
N SER A 93 -19.41 -10.84 -4.76
CA SER A 93 -19.87 -9.80 -5.66
C SER A 93 -20.31 -8.52 -4.97
N LYS A 94 -20.42 -8.57 -3.66
CA LYS A 94 -20.92 -7.50 -2.78
C LYS A 94 -20.04 -7.35 -1.59
N PRO A 95 -19.99 -6.15 -1.01
CA PRO A 95 -19.09 -5.94 0.12
C PRO A 95 -19.54 -6.50 1.41
N VAL A 96 -18.57 -6.68 2.31
CA VAL A 96 -18.80 -7.22 3.65
C VAL A 96 -18.00 -6.26 4.57
N ILE A 97 -18.63 -5.88 5.68
CA ILE A 97 -18.04 -5.03 6.73
C ILE A 97 -17.84 -5.86 7.98
N ALA A 98 -16.60 -5.88 8.46
CA ALA A 98 -16.32 -6.53 9.71
C ALA A 98 -16.65 -5.57 10.87
N ALA A 99 -17.40 -6.07 11.83
CA ALA A 99 -17.82 -5.30 13.03
C ALA A 99 -17.08 -5.96 14.20
N VAL A 100 -15.94 -5.40 14.50
CA VAL A 100 -14.98 -6.01 15.40
C VAL A 100 -15.17 -5.45 16.86
N SER A 101 -15.46 -6.35 17.76
CA SER A 101 -15.39 -6.07 19.18
C SER A 101 -14.30 -6.97 19.76
N GLY A 102 -13.79 -6.65 20.95
CA GLY A 102 -12.77 -7.55 21.63
C GLY A 102 -11.58 -7.86 20.71
N TYR A 103 -11.28 -9.14 20.52
CA TYR A 103 -10.15 -9.61 19.78
C TYR A 103 -10.52 -10.08 18.37
N ALA A 104 -9.80 -9.59 17.39
CA ALA A 104 -9.74 -10.19 16.03
C ALA A 104 -8.31 -10.62 15.81
N VAL A 105 -8.05 -11.85 16.16
CA VAL A 105 -6.68 -12.34 16.20
C VAL A 105 -6.52 -13.69 15.45
N ALA A 106 -5.31 -13.91 14.93
CA ALA A 106 -4.97 -15.14 14.22
C ALA A 106 -5.90 -15.27 13.00
N GLY A 107 -6.55 -16.40 12.80
CA GLY A 107 -7.57 -16.53 11.74
C GLY A 107 -8.71 -15.57 11.76
N GLY A 108 -9.05 -15.08 12.95
CA GLY A 108 -9.99 -14.01 13.10
C GLY A 108 -9.58 -12.71 12.50
N LEU A 109 -8.29 -12.33 12.66
CA LEU A 109 -7.75 -11.21 11.95
C LEU A 109 -7.87 -11.44 10.45
N GLU A 110 -7.60 -12.65 10.02
CA GLU A 110 -7.71 -12.94 8.61
C GLU A 110 -9.12 -12.79 8.06
N LEU A 111 -10.13 -13.17 8.81
CA LEU A 111 -11.50 -12.90 8.40
C LEU A 111 -11.80 -11.42 8.38
N ALA A 112 -11.26 -10.65 9.32
CA ALA A 112 -11.44 -9.19 9.30
C ALA A 112 -10.74 -8.56 8.12
N LEU A 113 -9.60 -9.10 7.73
CA LEU A 113 -8.90 -8.61 6.54
C LEU A 113 -9.57 -8.90 5.22
N TRP A 114 -10.27 -10.00 5.17
CA TRP A 114 -11.04 -10.46 4.02
C TRP A 114 -12.23 -9.57 3.80
N CYS A 115 -12.82 -9.03 4.85
CA CYS A 115 -13.85 -8.00 4.67
C CYS A 115 -13.34 -6.73 4.02
N ASP A 116 -14.23 -6.05 3.34
CA ASP A 116 -13.91 -4.78 2.66
C ASP A 116 -13.60 -3.60 3.57
N LEU A 117 -14.25 -3.54 4.71
CA LEU A 117 -14.07 -2.45 5.70
C LEU A 117 -14.18 -3.06 7.07
N ARG A 118 -13.48 -2.42 8.01
CA ARG A 118 -13.45 -2.84 9.41
C ARG A 118 -13.92 -1.65 10.31
N VAL A 119 -14.94 -1.92 11.13
CA VAL A 119 -15.47 -1.00 12.13
C VAL A 119 -15.10 -1.63 13.43
N ALA A 120 -14.25 -0.98 14.23
CA ALA A 120 -13.73 -1.56 15.46
C ALA A 120 -14.24 -0.74 16.67
N GLU A 121 -14.49 -1.44 17.74
CA GLU A 121 -14.76 -0.79 19.03
C GLU A 121 -13.48 -0.21 19.59
N GLU A 122 -13.64 0.84 20.40
CA GLU A 122 -12.47 1.58 20.92
C GLU A 122 -11.56 0.68 21.71
N ASP A 123 -12.05 -0.38 22.30
CA ASP A 123 -11.12 -1.26 23.01
C ASP A 123 -10.76 -2.59 22.25
N ALA A 124 -11.06 -2.69 20.97
CA ALA A 124 -10.72 -3.91 20.22
C ALA A 124 -9.23 -3.99 19.97
N VAL A 125 -8.76 -5.20 19.73
CA VAL A 125 -7.36 -5.51 19.45
C VAL A 125 -7.27 -6.44 18.23
N PHE A 126 -6.41 -6.06 17.28
CA PHE A 126 -6.10 -6.89 16.09
C PHE A 126 -4.76 -7.47 16.25
N GLY A 127 -4.54 -8.72 15.89
CA GLY A 127 -3.19 -9.20 16.00
C GLY A 127 -3.00 -10.59 15.45
N VAL A 128 -1.77 -10.85 15.06
CA VAL A 128 -1.32 -12.16 14.53
C VAL A 128 -0.95 -13.02 15.72
N PHE A 129 -1.94 -13.40 16.54
CA PHE A 129 -1.55 -14.11 17.82
C PHE A 129 -1.13 -15.56 17.61
N CYS A 130 -1.42 -16.10 16.43
CA CYS A 130 -0.93 -17.44 16.08
C CYS A 130 0.59 -17.51 16.00
N ARG A 131 1.25 -16.34 15.91
CA ARG A 131 2.69 -16.25 15.94
C ARG A 131 3.21 -16.88 17.26
N ARG A 132 2.51 -16.64 18.35
CA ARG A 132 2.95 -17.19 19.66
C ARG A 132 2.87 -18.70 19.74
N TRP A 133 1.87 -19.32 19.14
CA TRP A 133 1.57 -20.79 19.23
C TRP A 133 2.26 -21.53 18.13
N GLY A 134 2.75 -20.84 17.12
CA GLY A 134 3.41 -21.50 16.00
C GLY A 134 2.39 -22.16 15.03
N VAL A 135 1.31 -21.46 14.71
CA VAL A 135 0.33 -21.90 13.70
C VAL A 135 0.42 -20.89 12.58
N PRO A 136 0.58 -21.32 11.33
CA PRO A 136 0.84 -20.33 10.26
C PRO A 136 -0.41 -19.62 9.83
N LEU A 137 -0.24 -18.50 9.15
CA LEU A 137 -1.34 -17.79 8.59
C LEU A 137 -1.62 -18.45 7.19
N ILE A 138 -2.77 -19.06 7.05
CA ILE A 138 -3.09 -19.68 5.77
C ILE A 138 -4.51 -19.32 5.35
N ASP A 139 -5.04 -18.18 5.80
CA ASP A 139 -6.33 -17.71 5.33
C ASP A 139 -6.19 -16.34 4.76
N GLY A 140 -5.03 -16.09 4.20
CA GLY A 140 -4.82 -14.94 3.33
C GLY A 140 -4.19 -13.73 4.05
N GLY A 141 -3.92 -13.84 5.33
CA GLY A 141 -3.31 -12.70 6.10
C GLY A 141 -2.02 -12.18 5.59
N THR A 142 -1.15 -13.05 5.06
CA THR A 142 0.13 -12.60 4.53
C THR A 142 -0.03 -11.96 3.17
N VAL A 143 -1.16 -12.22 2.52
CA VAL A 143 -1.45 -11.59 1.24
C VAL A 143 -2.16 -10.30 1.44
N ARG A 144 -3.18 -10.31 2.27
CA ARG A 144 -4.03 -9.14 2.37
C ARG A 144 -3.46 -8.04 3.26
N LEU A 145 -2.77 -8.37 4.34
CA LEU A 145 -2.28 -7.33 5.26
C LEU A 145 -1.31 -6.35 4.59
N PRO A 146 -0.32 -6.82 3.84
CA PRO A 146 0.52 -5.89 3.16
C PRO A 146 -0.17 -5.01 2.15
N ARG A 147 -1.15 -5.55 1.44
CA ARG A 147 -1.90 -4.75 0.46
C ARG A 147 -2.78 -3.71 1.15
N LEU A 148 -3.33 -4.08 2.27
CA LEU A 148 -4.19 -3.19 3.06
C LEU A 148 -3.48 -2.00 3.67
N ILE A 149 -2.32 -2.22 4.31
CA ILE A 149 -1.62 -1.23 5.14
C ILE A 149 -0.21 -0.97 4.82
N GLY A 150 0.30 -1.62 3.74
CA GLY A 150 1.63 -1.43 3.34
C GLY A 150 2.50 -2.52 3.97
N HIS A 151 3.61 -2.78 3.34
CA HIS A 151 4.43 -3.91 3.70
C HIS A 151 5.12 -3.70 5.03
N SER A 152 5.58 -2.49 5.27
CA SER A 152 6.30 -2.23 6.55
C SER A 152 5.45 -2.46 7.77
N ARG A 153 4.29 -1.84 7.82
CA ARG A 153 3.45 -2.09 8.95
C ARG A 153 2.95 -3.51 9.04
N ALA A 154 2.70 -4.11 7.90
CA ALA A 154 2.24 -5.47 7.91
C ALA A 154 3.34 -6.40 8.48
N MET A 155 4.56 -6.20 8.09
CA MET A 155 5.67 -7.04 8.53
C MET A 155 5.85 -6.92 10.05
N ASP A 156 5.74 -5.70 10.60
CA ASP A 156 5.65 -5.50 12.04
C ASP A 156 4.62 -6.40 12.67
N MET A 157 3.37 -6.31 12.23
CA MET A 157 2.38 -7.14 12.85
C MET A 157 2.66 -8.62 12.64
N ILE A 158 3.08 -9.01 11.46
CA ILE A 158 3.26 -10.44 11.17
C ILE A 158 4.46 -11.05 11.93
N LEU A 159 5.58 -10.34 11.99
CA LEU A 159 6.71 -10.89 12.69
C LEU A 159 6.49 -10.94 14.18
N THR A 160 6.06 -9.82 14.78
CA THR A 160 5.95 -9.70 16.24
C THR A 160 4.80 -10.41 16.81
N GLY A 161 3.68 -10.51 16.05
CA GLY A 161 2.44 -11.03 16.65
C GLY A 161 1.79 -10.13 17.68
N ARG A 162 2.23 -8.89 17.78
CA ARG A 162 1.72 -7.99 18.83
C ARG A 162 0.27 -7.59 18.58
N GLY A 163 -0.41 -7.25 19.66
CA GLY A 163 -1.75 -6.77 19.58
C GLY A 163 -1.72 -5.33 19.24
N VAL A 164 -2.53 -4.95 18.28
CA VAL A 164 -2.62 -3.56 17.80
C VAL A 164 -3.96 -3.05 18.29
N PRO A 165 -3.95 -2.06 19.21
CA PRO A 165 -5.24 -1.57 19.67
C PRO A 165 -5.95 -0.75 18.60
N ALA A 166 -7.23 -0.52 18.81
CA ALA A 166 -8.06 0.12 17.79
C ALA A 166 -7.58 1.47 17.36
N ASP A 167 -7.16 2.30 18.28
CA ASP A 167 -6.65 3.61 17.91
C ASP A 167 -5.40 3.60 17.01
N GLU A 168 -4.46 2.73 17.30
CA GLU A 168 -3.29 2.56 16.45
C GLU A 168 -3.77 1.92 15.08
N ALA A 169 -4.72 1.02 15.15
CA ALA A 169 -5.22 0.42 13.94
C ALA A 169 -5.90 1.45 13.03
N LEU A 170 -6.60 2.40 13.60
CA LEU A 170 -7.18 3.50 12.85
C LEU A 170 -6.08 4.36 12.21
N ALA A 171 -5.06 4.70 12.93
CA ALA A 171 -3.92 5.49 12.38
C ALA A 171 -3.15 4.74 11.26
N MET A 172 -3.02 3.44 11.37
CA MET A 172 -2.39 2.60 10.29
C MET A 172 -3.28 2.38 9.02
N GLY A 173 -4.56 2.67 9.09
CA GLY A 173 -5.53 2.31 8.08
C GLY A 173 -6.10 0.89 8.17
N LEU A 174 -5.76 0.10 9.19
CA LEU A 174 -6.33 -1.18 9.41
C LEU A 174 -7.78 -1.10 9.85
N ALA A 175 -8.12 -0.26 10.83
CA ALA A 175 -9.55 -0.02 11.07
C ALA A 175 -9.93 1.12 10.27
N ASN A 176 -11.12 1.09 9.68
CA ASN A 176 -11.56 2.21 8.91
C ASN A 176 -12.39 3.17 9.80
N ARG A 177 -13.03 2.64 10.82
CA ARG A 177 -13.91 3.44 11.71
C ARG A 177 -13.69 2.90 13.10
N VAL A 178 -13.69 3.78 14.11
CA VAL A 178 -13.59 3.34 15.49
C VAL A 178 -14.80 3.93 16.23
N VAL A 179 -15.50 3.11 16.95
CA VAL A 179 -16.76 3.40 17.60
C VAL A 179 -16.71 2.98 19.08
N PRO A 180 -17.69 3.45 19.87
CA PRO A 180 -17.62 3.09 21.32
C PRO A 180 -17.86 1.62 21.52
N LYS A 181 -17.44 1.17 22.69
CA LYS A 181 -17.69 -0.17 23.16
C LYS A 181 -19.14 -0.56 23.07
N GLY A 182 -19.44 -1.76 22.57
CA GLY A 182 -20.79 -2.21 22.34
C GLY A 182 -21.44 -1.74 21.04
N GLN A 183 -20.86 -0.85 20.25
CA GLN A 183 -21.52 -0.30 19.10
C GLN A 183 -21.00 -0.82 17.74
N ALA A 184 -20.12 -1.79 17.73
CA ALA A 184 -19.58 -2.25 16.38
C ALA A 184 -20.63 -2.77 15.49
N ARG A 185 -21.47 -3.63 15.96
CA ARG A 185 -22.51 -4.19 15.13
C ARG A 185 -23.45 -3.19 14.52
N GLN A 186 -23.97 -2.34 15.40
CA GLN A 186 -24.91 -1.31 14.98
C GLN A 186 -24.26 -0.28 14.08
N ALA A 187 -23.05 0.14 14.37
CA ALA A 187 -22.40 1.11 13.54
C ALA A 187 -22.10 0.48 12.11
N ALA A 188 -21.65 -0.77 12.08
CA ALA A 188 -21.37 -1.47 10.80
C ALA A 188 -22.62 -1.66 9.96
N GLU A 189 -23.73 -2.00 10.60
CA GLU A 189 -25.00 -2.11 9.93
C GLU A 189 -25.51 -0.80 9.44
N GLU A 190 -25.24 0.29 10.16
CA GLU A 190 -25.67 1.56 9.66
C GLU A 190 -24.85 2.01 8.45
N LEU A 191 -23.55 1.81 8.53
CA LEU A 191 -22.66 2.10 7.38
C LEU A 191 -23.04 1.19 6.19
N ALA A 192 -23.37 -0.06 6.46
CA ALA A 192 -23.80 -0.98 5.40
C ALA A 192 -25.09 -0.51 4.72
N ALA A 193 -26.04 0.06 5.48
CA ALA A 193 -27.26 0.56 4.92
C ALA A 193 -26.98 1.81 4.07
N GLN A 194 -25.99 2.62 4.43
CA GLN A 194 -25.55 3.66 3.57
C GLN A 194 -25.03 3.18 2.24
N LEU A 195 -24.18 2.18 2.28
CA LEU A 195 -23.66 1.55 1.04
C LEU A 195 -24.75 0.98 0.22
N ALA A 196 -25.70 0.34 0.85
CA ALA A 196 -26.80 -0.21 0.14
C ALA A 196 -27.73 0.81 -0.53
N ALA A 197 -27.71 2.07 -0.06
CA ALA A 197 -28.55 3.10 -0.64
C ALA A 197 -27.94 3.77 -1.84
N LEU A 198 -26.67 3.54 -2.12
CA LEU A 198 -26.05 4.13 -3.31
C LEU A 198 -26.35 3.30 -4.59
N PRO A 199 -26.19 3.86 -5.83
CA PRO A 199 -26.36 3.03 -7.11
C PRO A 199 -25.38 1.78 -7.09
N GLN A 200 -25.97 0.62 -7.07
CA GLN A 200 -25.30 -0.61 -6.65
C GLN A 200 -24.34 -1.17 -7.77
N GLN A 201 -24.66 -0.94 -9.02
CA GLN A 201 -23.83 -1.49 -10.09
C GLN A 201 -22.49 -0.84 -10.13
N CYS A 202 -22.40 0.50 -10.08
CA CYS A 202 -21.11 1.15 -10.08
C CYS A 202 -20.33 0.79 -8.86
N LEU A 203 -21.01 0.71 -7.72
CA LEU A 203 -20.35 0.45 -6.49
C LEU A 203 -19.67 -0.93 -6.56
N ARG A 204 -20.42 -1.93 -6.98
CA ARG A 204 -19.93 -3.29 -7.08
C ARG A 204 -18.81 -3.45 -8.13
N SER A 205 -18.92 -2.83 -9.28
CA SER A 205 -17.85 -2.91 -10.26
C SER A 205 -16.59 -2.21 -9.83
N ASP A 206 -16.70 -1.02 -9.19
CA ASP A 206 -15.54 -0.28 -8.74
C ASP A 206 -14.82 -1.10 -7.74
N ARG A 207 -15.55 -1.71 -6.85
CA ARG A 207 -14.96 -2.53 -5.82
C ARG A 207 -14.15 -3.72 -6.44
N LEU A 208 -14.77 -4.42 -7.35
CA LEU A 208 -14.08 -5.56 -7.97
C LEU A 208 -12.89 -5.17 -8.82
N SER A 209 -12.94 -4.01 -9.47
CA SER A 209 -11.78 -3.51 -10.18
C SER A 209 -10.65 -3.22 -9.26
N ALA A 210 -10.96 -2.64 -8.08
CA ALA A 210 -9.96 -2.32 -7.10
C ALA A 210 -9.28 -3.61 -6.54
N LEU A 211 -10.04 -4.69 -6.46
CA LEU A 211 -9.53 -5.94 -6.04
C LEU A 211 -8.66 -6.63 -7.14
N HIS A 212 -9.13 -6.64 -8.38
CA HIS A 212 -8.41 -7.36 -9.45
C HIS A 212 -7.21 -6.63 -9.95
N GLN A 213 -7.11 -5.33 -9.71
CA GLN A 213 -5.94 -4.61 -10.21
C GLN A 213 -4.64 -5.01 -9.57
N TRP A 214 -4.67 -5.51 -8.34
CA TRP A 214 -3.44 -5.84 -7.61
C TRP A 214 -2.62 -6.87 -8.42
N GLY A 215 -1.40 -6.53 -8.69
CA GLY A 215 -0.54 -7.39 -9.43
C GLY A 215 -0.39 -7.02 -10.88
N LEU A 216 -1.23 -6.12 -11.42
CA LEU A 216 -1.23 -5.82 -12.85
C LEU A 216 -0.52 -4.56 -13.19
N PRO A 217 0.21 -4.54 -14.31
CA PRO A 217 0.70 -3.29 -14.78
C PRO A 217 -0.49 -2.39 -15.05
N GLU A 218 -0.22 -1.11 -14.96
CA GLU A 218 -1.26 -0.13 -15.00
C GLU A 218 -2.07 -0.20 -16.29
N SER A 219 -1.45 -0.34 -17.44
CA SER A 219 -2.21 -0.38 -18.69
C SER A 219 -3.21 -1.56 -18.73
N ALA A 220 -2.84 -2.75 -18.28
CA ALA A 220 -3.82 -3.80 -18.27
C ALA A 220 -4.90 -3.57 -17.22
N ALA A 221 -4.50 -3.03 -16.10
CA ALA A 221 -5.48 -2.76 -14.98
C ALA A 221 -6.48 -1.75 -15.46
N LEU A 222 -6.02 -0.77 -16.24
CA LEU A 222 -7.03 0.24 -16.79
C LEU A 222 -7.98 -0.36 -17.76
N ASP A 223 -7.51 -1.38 -18.51
CA ASP A 223 -8.46 -2.08 -19.40
C ASP A 223 -9.49 -2.84 -18.62
N LEU A 224 -9.08 -3.56 -17.60
CA LEU A 224 -10.05 -4.23 -16.72
C LEU A 224 -11.08 -3.27 -16.11
N GLU A 225 -10.59 -2.13 -15.65
CA GLU A 225 -11.49 -1.13 -15.07
C GLU A 225 -12.50 -0.60 -16.12
N PHE A 226 -12.05 -0.40 -17.36
CA PHE A 226 -12.88 0.13 -18.40
C PHE A 226 -14.09 -0.75 -18.71
N ALA A 227 -14.01 -2.02 -18.50
CA ALA A 227 -15.14 -2.89 -18.67
C ALA A 227 -16.32 -2.54 -17.77
N SER A 228 -16.07 -1.75 -16.71
CA SER A 228 -17.20 -1.30 -15.86
C SER A 228 -18.27 -0.60 -16.69
N ILE A 229 -17.90 0.14 -17.71
CA ILE A 229 -18.85 0.96 -18.41
C ILE A 229 -19.82 0.07 -19.18
N ALA A 230 -19.36 -1.08 -19.67
CA ALA A 230 -20.30 -2.00 -20.28
C ALA A 230 -21.17 -2.66 -19.22
N ARG A 231 -20.58 -3.03 -18.08
CA ARG A 231 -21.33 -3.69 -17.00
C ARG A 231 -22.37 -2.78 -16.44
N VAL A 232 -22.17 -1.48 -16.44
CA VAL A 232 -23.07 -0.62 -15.66
C VAL A 232 -23.83 0.38 -16.52
N ALA A 233 -23.84 0.14 -17.83
CA ALA A 233 -24.30 1.11 -18.86
C ALA A 233 -25.69 1.65 -18.52
N GLY A 234 -26.63 0.78 -18.14
CA GLY A 234 -28.00 1.19 -17.74
C GLY A 234 -28.00 2.19 -16.57
N GLU A 235 -27.22 1.87 -15.54
CA GLU A 235 -27.12 2.76 -14.41
C GLU A 235 -26.38 4.06 -14.77
N ALA A 236 -25.30 3.98 -15.53
CA ALA A 236 -24.55 5.19 -15.91
C ALA A 236 -25.39 6.17 -16.78
N LEU A 237 -26.18 5.59 -17.71
CA LEU A 237 -27.14 6.34 -18.57
C LEU A 237 -28.11 7.14 -17.66
N GLU A 238 -28.72 6.43 -16.70
CA GLU A 238 -29.61 7.05 -15.69
C GLU A 238 -28.83 8.16 -14.94
N GLY A 239 -27.65 7.84 -14.42
CA GLY A 239 -26.79 8.85 -13.76
C GLY A 239 -26.55 10.09 -14.62
N ALA A 240 -26.17 9.89 -15.89
CA ALA A 240 -25.96 10.98 -16.86
C ALA A 240 -27.22 11.86 -17.03
N ARG A 241 -28.36 11.21 -17.31
CA ARG A 241 -29.68 11.87 -17.45
C ARG A 241 -30.23 12.67 -16.24
N ARG A 242 -29.72 12.50 -15.02
CA ARG A 242 -30.03 13.41 -13.87
C ARG A 242 -29.24 14.76 -13.82
N PHE A 243 -28.44 15.11 -14.85
CA PHE A 243 -27.61 16.36 -14.87
C PHE A 243 -27.69 17.16 -16.20
N ASP B 3 38.10 -3.38 10.70
CA ASP B 3 38.04 -3.49 9.17
C ASP B 3 36.66 -2.91 8.67
N LEU B 4 36.05 -3.43 7.62
CA LEU B 4 34.94 -2.73 6.96
C LEU B 4 33.56 -3.08 7.57
N VAL B 5 33.39 -4.33 7.89
CA VAL B 5 32.15 -4.90 8.41
C VAL B 5 32.53 -5.80 9.54
N ARG B 6 31.82 -5.73 10.64
CA ARG B 6 32.04 -6.64 11.75
C ARG B 6 30.81 -7.46 11.93
N VAL B 7 30.94 -8.66 12.45
CA VAL B 7 29.84 -9.46 12.82
C VAL B 7 29.92 -9.85 14.25
N GLU B 8 28.86 -9.65 15.04
CA GLU B 8 28.83 -10.05 16.45
C GLU B 8 27.60 -10.90 16.69
N ARG B 9 27.67 -11.82 17.63
CA ARG B 9 26.56 -12.74 17.91
C ARG B 9 26.36 -12.76 19.33
N LYS B 10 25.11 -12.81 19.71
CA LYS B 10 24.65 -13.06 21.05
C LYS B 10 23.44 -13.99 20.92
N GLY B 11 23.63 -15.20 21.35
CA GLY B 11 22.62 -16.31 21.17
C GLY B 11 22.28 -16.42 19.69
N ARG B 12 21.02 -16.24 19.40
CA ARG B 12 20.51 -16.50 18.06
C ARG B 12 20.38 -15.20 17.27
N VAL B 13 20.92 -14.10 17.75
CA VAL B 13 20.94 -12.82 17.06
C VAL B 13 22.30 -12.42 16.56
N THR B 14 22.41 -12.09 15.27
CA THR B 14 23.63 -11.70 14.64
C THR B 14 23.52 -10.27 14.30
N THR B 15 24.49 -9.47 14.71
CA THR B 15 24.53 -8.09 14.33
C THR B 15 25.63 -7.85 13.32
N VAL B 16 25.32 -7.19 12.19
CA VAL B 16 26.23 -7.00 11.10
C VAL B 16 26.45 -5.53 11.17
N ILE B 17 27.72 -5.14 11.31
CA ILE B 17 28.05 -3.73 11.61
C ILE B 17 28.87 -3.11 10.51
N LEU B 18 28.37 -2.03 9.95
CA LEU B 18 29.13 -1.28 8.99
C LEU B 18 30.13 -0.35 9.76
N ASN B 19 31.39 -0.37 9.36
CA ASN B 19 32.47 0.29 10.12
C ASN B 19 33.36 1.09 9.24
N ARG B 20 32.77 2.14 8.69
CA ARG B 20 33.55 3.14 7.87
C ARG B 20 33.19 4.51 8.28
N PRO B 21 33.38 4.83 9.55
CA PRO B 21 32.82 6.12 10.00
C PRO B 21 33.41 7.35 9.36
N ALA B 22 34.66 7.32 8.99
CA ALA B 22 35.24 8.44 8.22
C ALA B 22 34.54 8.72 6.93
N SER B 23 33.90 7.73 6.29
CA SER B 23 33.10 8.08 5.09
C SER B 23 31.62 7.98 5.32
N ARG B 24 31.18 8.16 6.57
CA ARG B 24 29.73 8.12 6.92
C ARG B 24 29.07 6.79 6.48
N ASN B 25 29.88 5.74 6.59
CA ASN B 25 29.55 4.38 6.25
C ASN B 25 29.11 4.21 4.84
N ALA B 26 29.71 4.98 3.94
CA ALA B 26 29.46 4.72 2.56
C ALA B 26 30.01 3.37 2.18
N VAL B 27 29.40 2.70 1.20
CA VAL B 27 29.73 1.35 0.88
C VAL B 27 30.47 1.32 -0.47
N ASN B 28 31.71 0.87 -0.47
CA ASN B 28 32.45 0.65 -1.72
C ASN B 28 32.42 -0.81 -2.07
N GLY B 29 33.10 -1.17 -3.14
CA GLY B 29 33.11 -2.54 -3.57
C GLY B 29 33.52 -3.57 -2.53
N PRO B 30 34.70 -3.39 -1.88
CA PRO B 30 35.05 -4.39 -0.84
C PRO B 30 34.06 -4.42 0.36
N THR B 31 33.46 -3.29 0.65
CA THR B 31 32.55 -3.27 1.79
C THR B 31 31.28 -4.03 1.37
N ALA B 32 30.82 -3.84 0.13
CA ALA B 32 29.63 -4.55 -0.36
C ALA B 32 29.84 -6.04 -0.37
N ALA B 33 31.03 -6.49 -0.73
CA ALA B 33 31.38 -7.88 -0.67
C ALA B 33 31.41 -8.43 0.74
N ALA B 34 31.94 -7.63 1.69
CA ALA B 34 31.95 -8.11 3.07
C ALA B 34 30.49 -8.19 3.63
N LEU B 35 29.60 -7.22 3.24
CA LEU B 35 28.21 -7.26 3.66
C LEU B 35 27.57 -8.52 3.10
N CYS B 36 27.87 -8.85 1.86
CA CYS B 36 27.27 -10.09 1.28
C CYS B 36 27.77 -11.26 1.99
N ALA B 37 29.05 -11.34 2.24
CA ALA B 37 29.57 -12.51 2.87
C ALA B 37 28.92 -12.70 4.26
N ALA B 38 28.74 -11.56 4.99
CA ALA B 38 28.17 -11.65 6.29
C ALA B 38 26.71 -12.17 6.26
N PHE B 39 25.93 -11.66 5.34
CA PHE B 39 24.54 -12.08 5.30
C PHE B 39 24.38 -13.48 4.67
N GLU B 40 25.27 -13.89 3.76
CA GLU B 40 25.29 -15.27 3.28
C GLU B 40 25.61 -16.25 4.40
N GLN B 41 26.61 -15.93 5.20
CA GLN B 41 26.87 -16.71 6.36
C GLN B 41 25.68 -16.73 7.33
N PHE B 42 25.00 -15.60 7.59
CA PHE B 42 23.86 -15.60 8.54
C PHE B 42 22.79 -16.57 7.99
N ASP B 43 22.59 -16.42 6.72
CA ASP B 43 21.54 -17.19 6.08
C ASP B 43 21.67 -18.71 6.20
N ARG B 44 22.89 -19.23 6.12
CA ARG B 44 23.22 -20.69 6.26
C ARG B 44 23.48 -21.11 7.68
N ASP B 45 23.61 -20.19 8.64
CA ASP B 45 23.90 -20.52 10.04
C ASP B 45 22.61 -20.90 10.77
N ASP B 46 22.48 -22.17 11.15
CA ASP B 46 21.28 -22.70 11.77
C ASP B 46 21.21 -22.28 13.22
N ALA B 47 22.30 -21.86 13.83
CA ALA B 47 22.20 -21.29 15.17
C ALA B 47 21.75 -19.81 15.15
N ALA B 48 21.72 -19.13 13.99
CA ALA B 48 21.34 -17.68 13.98
C ALA B 48 19.86 -17.61 13.47
N SER B 49 19.02 -16.90 14.19
CA SER B 49 17.62 -16.73 13.81
C SER B 49 17.26 -15.39 13.23
N VAL B 50 17.86 -14.29 13.72
CA VAL B 50 17.49 -12.96 13.35
C VAL B 50 18.77 -12.15 13.28
N ALA B 51 18.89 -11.26 12.29
CA ALA B 51 20.02 -10.39 12.16
C ALA B 51 19.61 -8.93 12.44
N VAL B 52 20.61 -8.14 12.79
CA VAL B 52 20.44 -6.72 12.99
C VAL B 52 21.50 -6.08 12.15
N LEU B 53 21.12 -5.09 11.36
CA LEU B 53 22.02 -4.36 10.55
C LEU B 53 22.20 -2.95 11.20
N TRP B 54 23.44 -2.56 11.47
CA TRP B 54 23.74 -1.30 12.17
C TRP B 54 25.00 -0.65 11.67
N GLY B 55 24.96 0.66 11.56
CA GLY B 55 26.11 1.48 11.20
C GLY B 55 26.73 2.03 12.47
N ALA B 56 28.01 1.77 12.66
CA ALA B 56 28.75 2.26 13.79
C ALA B 56 29.14 3.71 13.54
N GLY B 57 29.24 4.51 14.58
CA GLY B 57 29.85 5.83 14.37
C GLY B 57 28.83 6.91 14.38
N GLY B 58 27.54 6.59 14.56
CA GLY B 58 26.51 7.59 14.61
C GLY B 58 25.64 7.77 13.38
N THR B 59 25.92 7.07 12.33
CA THR B 59 25.11 7.13 11.15
C THR B 59 25.02 5.72 10.50
N PHE B 60 23.95 5.48 9.80
CA PHE B 60 23.69 4.12 9.31
C PHE B 60 24.45 3.88 8.06
N CYS B 61 24.20 4.66 7.02
CA CYS B 61 24.85 4.39 5.75
C CYS B 61 24.48 5.54 4.79
N ALA B 62 25.52 6.11 4.19
CA ALA B 62 25.41 7.22 3.26
C ALA B 62 25.33 6.77 1.79
N GLY B 63 25.29 5.47 1.50
CA GLY B 63 25.11 5.04 0.14
C GLY B 63 26.43 4.64 -0.45
N ALA B 64 26.50 4.69 -1.76
CA ALA B 64 27.66 4.19 -2.49
C ALA B 64 28.81 5.19 -2.25
N ASP B 65 29.99 4.64 -2.20
CA ASP B 65 31.19 5.45 -1.95
C ASP B 65 31.58 6.16 -3.28
N LEU B 66 31.12 7.39 -3.44
CA LEU B 66 31.32 8.18 -4.65
C LEU B 66 32.81 8.40 -4.96
N LYS B 67 33.60 8.73 -3.94
CA LYS B 67 35.06 8.88 -4.07
C LYS B 67 35.74 7.63 -4.62
N ALA B 68 35.13 6.46 -4.52
CA ALA B 68 35.75 5.29 -5.12
C ALA B 68 35.37 5.07 -6.59
N PHE B 69 34.55 5.94 -7.18
CA PHE B 69 34.16 5.80 -8.61
C PHE B 69 35.41 5.73 -9.45
N GLY B 70 35.46 4.76 -10.35
CA GLY B 70 36.62 4.48 -11.18
C GLY B 70 37.95 4.41 -10.45
N THR B 71 38.01 3.60 -9.40
CA THR B 71 39.26 3.12 -8.80
C THR B 71 39.04 1.63 -8.76
N PRO B 72 40.07 0.84 -8.35
CA PRO B 72 39.76 -0.60 -8.17
C PRO B 72 38.81 -0.97 -6.99
N GLU B 73 38.49 -0.01 -6.11
CA GLU B 73 37.58 -0.26 -4.98
C GLU B 73 36.10 0.12 -5.33
N ALA B 74 35.82 0.47 -6.59
CA ALA B 74 34.47 0.92 -6.98
C ALA B 74 33.41 -0.16 -6.77
N ASN B 75 32.18 0.27 -6.58
CA ASN B 75 31.04 -0.65 -6.48
C ASN B 75 30.93 -1.54 -7.76
N SER B 76 30.67 -2.81 -7.60
CA SER B 76 30.41 -3.71 -8.72
C SER B 76 28.96 -3.50 -9.20
N VAL B 77 28.80 -3.30 -10.50
CA VAL B 77 27.50 -3.08 -11.11
C VAL B 77 27.28 -4.09 -12.23
N HIS B 78 26.61 -5.20 -11.96
CA HIS B 78 26.33 -6.23 -12.98
C HIS B 78 24.89 -6.69 -12.86
N ARG B 79 24.39 -7.27 -13.95
CA ARG B 79 23.03 -7.72 -14.06
C ARG B 79 22.76 -8.87 -13.10
N THR B 80 23.72 -9.74 -12.84
CA THR B 80 23.49 -10.83 -11.90
C THR B 80 24.56 -10.75 -10.77
N GLY B 81 24.48 -11.66 -9.84
CA GLY B 81 25.30 -11.60 -8.64
C GLY B 81 24.79 -10.51 -7.69
N PRO B 82 25.62 -10.07 -6.76
CA PRO B 82 25.18 -9.10 -5.73
C PRO B 82 24.88 -7.76 -6.31
N GLY B 83 23.94 -7.02 -5.73
CA GLY B 83 23.71 -5.64 -6.15
C GLY B 83 24.90 -4.75 -5.76
N PRO B 84 24.92 -3.52 -6.20
CA PRO B 84 26.01 -2.60 -5.87
C PRO B 84 26.25 -2.36 -4.37
N MET B 85 25.18 -2.26 -3.59
CA MET B 85 25.32 -2.03 -2.15
C MET B 85 25.62 -3.32 -1.38
N GLY B 86 25.64 -4.48 -2.04
CA GLY B 86 25.97 -5.75 -1.41
C GLY B 86 24.76 -6.67 -1.43
N PRO B 87 24.05 -6.80 -0.29
CA PRO B 87 23.01 -7.83 -0.16
C PRO B 87 21.59 -7.41 -0.64
N SER B 88 21.44 -6.29 -1.30
CA SER B 88 20.16 -5.69 -1.62
C SER B 88 19.27 -6.54 -2.59
N ARG B 89 19.85 -7.52 -3.26
CA ARG B 89 19.09 -8.44 -4.12
C ARG B 89 18.77 -9.73 -3.48
N MET B 90 19.32 -10.01 -2.31
CA MET B 90 19.08 -11.24 -1.66
C MET B 90 17.71 -11.26 -1.04
N MET B 91 17.10 -12.43 -1.01
CA MET B 91 15.91 -12.59 -0.20
C MET B 91 16.27 -13.65 0.79
N LEU B 92 16.62 -13.20 1.99
CA LEU B 92 17.10 -14.11 2.98
C LEU B 92 15.99 -14.97 3.46
N SER B 93 16.38 -16.09 4.04
CA SER B 93 15.44 -16.97 4.64
C SER B 93 14.97 -16.59 6.04
N LYS B 94 15.58 -15.57 6.66
CA LYS B 94 15.31 -15.16 8.03
C LYS B 94 15.35 -13.63 8.07
N PRO B 95 14.67 -13.03 9.01
CA PRO B 95 14.55 -11.59 9.05
C PRO B 95 15.79 -10.82 9.50
N VAL B 96 15.90 -9.57 9.03
CA VAL B 96 16.92 -8.59 9.38
C VAL B 96 16.22 -7.32 9.85
N ILE B 97 16.67 -6.78 10.98
CA ILE B 97 16.14 -5.51 11.51
C ILE B 97 17.17 -4.43 11.30
N ALA B 98 16.80 -3.30 10.67
CA ALA B 98 17.75 -2.19 10.52
C ALA B 98 17.67 -1.34 11.83
N ALA B 99 18.85 -1.02 12.36
CA ALA B 99 19.00 -0.13 13.56
C ALA B 99 19.64 1.12 13.03
N VAL B 100 18.76 2.10 12.79
CA VAL B 100 19.09 3.23 12.05
C VAL B 100 19.38 4.44 13.01
N SER B 101 20.63 4.87 12.97
CA SER B 101 21.10 6.12 13.63
C SER B 101 21.45 7.07 12.54
N GLY B 102 21.37 8.36 12.81
CA GLY B 102 21.89 9.38 11.85
C GLY B 102 21.20 9.27 10.45
N TYR B 103 22.00 9.22 9.43
CA TYR B 103 21.51 9.21 8.06
C TYR B 103 21.38 7.80 7.47
N ALA B 104 20.22 7.48 6.92
CA ALA B 104 20.06 6.31 6.02
C ALA B 104 19.62 6.91 4.67
N VAL B 105 20.58 7.10 3.79
CA VAL B 105 20.36 7.88 2.60
C VAL B 105 20.94 7.24 1.38
N ALA B 106 20.21 7.41 0.26
CA ALA B 106 20.64 6.90 -1.03
C ALA B 106 20.71 5.41 -0.95
N GLY B 107 21.82 4.80 -1.30
CA GLY B 107 21.97 3.35 -1.20
C GLY B 107 21.82 2.89 0.25
N GLY B 108 22.12 3.74 1.22
CA GLY B 108 21.86 3.41 2.64
C GLY B 108 20.38 3.35 2.94
N LEU B 109 19.57 4.19 2.31
CA LEU B 109 18.12 4.05 2.45
C LEU B 109 17.71 2.67 1.87
N GLU B 110 18.25 2.31 0.73
CA GLU B 110 17.95 1.01 0.09
C GLU B 110 18.27 -0.13 0.97
N LEU B 111 19.38 -0.09 1.65
CA LEU B 111 19.66 -1.14 2.63
C LEU B 111 18.65 -1.17 3.77
N ALA B 112 18.23 -0.01 4.27
CA ALA B 112 17.24 -0.02 5.30
C ALA B 112 15.93 -0.60 4.82
N LEU B 113 15.54 -0.30 3.57
CA LEU B 113 14.29 -0.79 3.02
C LEU B 113 14.34 -2.30 2.76
N TRP B 114 15.53 -2.83 2.53
CA TRP B 114 15.72 -4.29 2.25
C TRP B 114 15.52 -5.05 3.56
N CYS B 115 15.79 -4.37 4.69
CA CYS B 115 15.49 -4.94 6.01
C CYS B 115 13.99 -5.09 6.20
N ASP B 116 13.62 -6.03 7.02
CA ASP B 116 12.24 -6.30 7.33
C ASP B 116 11.61 -5.32 8.23
N LEU B 117 12.38 -4.75 9.16
CA LEU B 117 11.84 -3.72 10.11
C LEU B 117 12.96 -2.69 10.34
N ARG B 118 12.56 -1.48 10.66
CA ARG B 118 13.44 -0.37 10.85
C ARG B 118 13.13 0.27 12.23
N VAL B 119 14.15 0.28 13.05
CA VAL B 119 14.11 0.91 14.38
C VAL B 119 15.00 2.13 14.20
N ALA B 120 14.42 3.30 14.37
CA ALA B 120 15.10 4.49 14.07
C ALA B 120 15.28 5.32 15.36
N GLU B 121 16.43 6.00 15.44
CA GLU B 121 16.66 6.97 16.53
C GLU B 121 15.85 8.22 16.26
N GLU B 122 15.47 8.98 17.31
CA GLU B 122 14.70 10.21 17.14
C GLU B 122 15.21 11.26 16.20
N ASP B 123 16.51 11.32 15.92
CA ASP B 123 17.04 12.31 15.04
C ASP B 123 17.58 11.70 13.77
N ALA B 124 17.15 10.48 13.47
CA ALA B 124 17.51 9.85 12.21
C ALA B 124 16.80 10.51 11.04
N VAL B 125 17.42 10.40 9.88
CA VAL B 125 16.89 10.97 8.68
C VAL B 125 16.94 9.90 7.58
N PHE B 126 15.82 9.70 6.87
CA PHE B 126 15.78 8.77 5.71
C PHE B 126 15.68 9.56 4.42
N GLY B 127 16.36 9.25 3.34
CA GLY B 127 16.17 10.09 2.15
C GLY B 127 16.89 9.62 0.95
N VAL B 128 16.35 10.00 -0.22
CA VAL B 128 16.91 9.55 -1.47
C VAL B 128 17.90 10.63 -1.94
N PHE B 129 19.04 10.76 -1.25
CA PHE B 129 19.93 11.90 -1.44
C PHE B 129 20.76 11.78 -2.70
N CYS B 130 20.78 10.59 -3.32
CA CYS B 130 21.36 10.41 -4.66
C CYS B 130 20.63 11.20 -5.73
N ARG B 131 19.43 11.70 -5.44
CA ARG B 131 18.75 12.59 -6.38
C ARG B 131 19.58 13.87 -6.65
N ARG B 132 20.17 14.41 -5.60
CA ARG B 132 21.00 15.65 -5.73
C ARG B 132 22.15 15.43 -6.65
N TRP B 133 22.76 14.26 -6.66
CA TRP B 133 23.92 14.08 -7.50
C TRP B 133 23.74 13.22 -8.77
N GLY B 134 22.51 12.85 -9.08
CA GLY B 134 22.25 12.14 -10.31
C GLY B 134 22.75 10.70 -10.36
N VAL B 135 22.74 9.98 -9.24
CA VAL B 135 23.12 8.58 -9.24
C VAL B 135 21.80 7.82 -9.09
N PRO B 136 21.56 6.76 -9.87
CA PRO B 136 20.20 6.16 -9.84
C PRO B 136 19.99 5.18 -8.67
N LEU B 137 18.72 4.96 -8.29
CA LEU B 137 18.41 3.87 -7.37
C LEU B 137 18.44 2.54 -8.11
N ILE B 138 19.43 1.73 -7.82
CA ILE B 138 19.57 0.40 -8.43
C ILE B 138 19.80 -0.63 -7.37
N ASP B 139 19.37 -0.37 -6.15
CA ASP B 139 19.45 -1.41 -5.13
C ASP B 139 18.08 -1.63 -4.52
N GLY B 140 17.05 -1.36 -5.30
CA GLY B 140 15.71 -1.79 -4.99
C GLY B 140 14.88 -0.73 -4.41
N GLY B 141 15.43 0.45 -4.25
CA GLY B 141 14.61 1.50 -3.65
C GLY B 141 13.32 1.82 -4.35
N THR B 142 13.31 1.82 -5.70
CA THR B 142 12.11 2.14 -6.44
C THR B 142 11.09 1.00 -6.42
N VAL B 143 11.55 -0.15 -6.06
CA VAL B 143 10.66 -1.29 -5.94
C VAL B 143 10.09 -1.34 -4.52
N ARG B 144 10.94 -1.22 -3.53
CA ARG B 144 10.53 -1.44 -2.17
C ARG B 144 9.85 -0.26 -1.55
N LEU B 145 10.31 0.94 -1.82
CA LEU B 145 9.68 2.10 -1.12
C LEU B 145 8.18 2.19 -1.34
N PRO B 146 7.70 2.13 -2.63
CA PRO B 146 6.28 2.20 -2.84
C PRO B 146 5.50 1.05 -2.16
N ARG B 147 6.07 -0.16 -2.10
CA ARG B 147 5.42 -1.22 -1.40
C ARG B 147 5.33 -1.04 0.09
N LEU B 148 6.35 -0.43 0.64
CA LEU B 148 6.42 -0.18 2.05
C LEU B 148 5.51 0.86 2.57
N ILE B 149 5.38 1.97 1.86
CA ILE B 149 4.65 3.16 2.35
C ILE B 149 3.62 3.72 1.37
N GLY B 150 3.44 3.07 0.22
CA GLY B 150 2.40 3.51 -0.70
C GLY B 150 3.09 4.36 -1.79
N HIS B 151 2.49 4.38 -2.96
CA HIS B 151 3.11 5.01 -4.09
C HIS B 151 3.24 6.55 -3.88
N SER B 152 2.32 7.16 -3.20
CA SER B 152 2.26 8.62 -3.14
C SER B 152 3.41 9.16 -2.31
N ARG B 153 3.52 8.63 -1.11
CA ARG B 153 4.68 8.98 -0.25
C ARG B 153 5.97 8.59 -0.83
N ALA B 154 6.05 7.42 -1.43
CA ALA B 154 7.25 7.03 -2.08
C ALA B 154 7.70 7.98 -3.20
N MET B 155 6.78 8.45 -4.00
CA MET B 155 7.12 9.34 -5.16
C MET B 155 7.62 10.73 -4.64
N ASP B 156 6.98 11.23 -3.60
CA ASP B 156 7.43 12.35 -2.83
C ASP B 156 8.90 12.18 -2.47
N MET B 157 9.29 11.11 -1.78
CA MET B 157 10.69 10.92 -1.43
C MET B 157 11.58 10.77 -2.61
N ILE B 158 11.10 10.01 -3.59
CA ILE B 158 11.97 9.68 -4.72
C ILE B 158 12.21 10.92 -5.65
N LEU B 159 11.18 11.67 -5.96
CA LEU B 159 11.30 12.84 -6.80
C LEU B 159 12.10 13.95 -6.10
N THR B 160 11.71 14.34 -4.88
CA THR B 160 12.36 15.48 -4.18
C THR B 160 13.73 15.13 -3.64
N GLY B 161 14.00 13.89 -3.27
CA GLY B 161 15.22 13.63 -2.53
C GLY B 161 15.28 14.17 -1.11
N ARG B 162 14.17 14.66 -0.59
CA ARG B 162 14.16 15.28 0.72
C ARG B 162 14.39 14.31 1.89
N GLY B 163 14.94 14.87 2.97
CA GLY B 163 15.23 14.16 4.22
C GLY B 163 13.98 14.05 5.01
N VAL B 164 13.56 12.83 5.28
CA VAL B 164 12.38 12.57 6.05
C VAL B 164 12.88 12.29 7.48
N PRO B 165 12.49 13.12 8.42
CA PRO B 165 12.94 12.81 9.82
C PRO B 165 12.17 11.66 10.43
N ALA B 166 12.75 11.10 11.49
CA ALA B 166 12.21 9.91 12.16
C ALA B 166 10.79 9.98 12.57
N ASP B 167 10.36 11.10 13.13
CA ASP B 167 8.93 11.23 13.47
C ASP B 167 7.97 11.22 12.25
N GLU B 168 8.35 11.88 11.16
CA GLU B 168 7.56 11.77 9.97
C GLU B 168 7.65 10.31 9.42
N ALA B 169 8.79 9.68 9.55
CA ALA B 169 8.94 8.33 9.01
C ALA B 169 8.11 7.33 9.76
N LEU B 170 8.00 7.57 11.06
CA LEU B 170 7.11 6.78 11.83
C LEU B 170 5.66 6.99 11.43
N ALA B 171 5.22 8.25 11.15
CA ALA B 171 3.82 8.43 10.75
C ALA B 171 3.54 7.85 9.34
N MET B 172 4.56 7.74 8.49
CA MET B 172 4.38 7.21 7.15
C MET B 172 4.35 5.67 7.17
N GLY B 173 4.79 5.06 8.26
CA GLY B 173 5.14 3.65 8.32
C GLY B 173 6.51 3.21 7.82
N LEU B 174 7.36 4.16 7.46
CA LEU B 174 8.69 3.87 7.06
C LEU B 174 9.54 3.41 8.26
N ALA B 175 9.45 4.08 9.42
CA ALA B 175 10.13 3.58 10.62
C ALA B 175 9.12 2.79 11.37
N ASN B 176 9.47 1.64 11.91
CA ASN B 176 8.50 0.90 12.67
C ASN B 176 8.52 1.25 14.18
N ARG B 177 9.66 1.66 14.67
CA ARG B 177 9.86 2.07 16.07
C ARG B 177 10.80 3.26 16.04
N VAL B 178 10.57 4.21 16.98
CA VAL B 178 11.44 5.38 17.12
C VAL B 178 11.89 5.33 18.57
N VAL B 179 13.20 5.40 18.76
CA VAL B 179 13.79 5.25 20.11
C VAL B 179 14.74 6.46 20.32
N PRO B 180 15.20 6.68 21.54
CA PRO B 180 16.21 7.76 21.78
C PRO B 180 17.51 7.62 21.05
N LYS B 181 18.16 8.75 20.80
CA LYS B 181 19.46 8.78 20.23
C LYS B 181 20.43 7.88 20.98
N GLY B 182 21.13 7.09 20.20
CA GLY B 182 21.98 6.06 20.67
C GLY B 182 21.42 4.71 20.98
N GLN B 183 20.12 4.56 20.99
CA GLN B 183 19.52 3.35 21.49
C GLN B 183 19.03 2.41 20.38
N ALA B 184 19.19 2.72 19.11
CA ALA B 184 18.59 1.90 18.04
C ALA B 184 19.19 0.52 18.05
N ARG B 185 20.50 0.44 18.21
CA ARG B 185 21.12 -0.89 18.21
C ARG B 185 20.62 -1.83 19.29
N GLN B 186 20.58 -1.34 20.50
CA GLN B 186 20.04 -2.07 21.59
C GLN B 186 18.57 -2.40 21.43
N ALA B 187 17.77 -1.47 21.01
CA ALA B 187 16.35 -1.75 20.89
C ALA B 187 16.09 -2.76 19.71
N ALA B 188 16.84 -2.63 18.64
CA ALA B 188 16.78 -3.60 17.52
C ALA B 188 17.17 -5.00 17.95
N GLU B 189 18.24 -5.06 18.69
CA GLU B 189 18.68 -6.33 19.24
C GLU B 189 17.73 -6.96 20.24
N GLU B 190 17.03 -6.15 21.06
CA GLU B 190 16.01 -6.64 21.93
C GLU B 190 14.78 -7.20 21.16
N LEU B 191 14.41 -6.50 20.10
CA LEU B 191 13.31 -6.90 19.27
C LEU B 191 13.72 -8.19 18.56
N ALA B 192 14.92 -8.24 18.09
CA ALA B 192 15.44 -9.45 17.46
C ALA B 192 15.40 -10.69 18.37
N ALA B 193 15.78 -10.50 19.60
CA ALA B 193 15.75 -11.59 20.56
C ALA B 193 14.33 -12.01 20.84
N GLN B 194 13.39 -11.05 20.92
CA GLN B 194 12.00 -11.42 21.07
C GLN B 194 11.52 -12.28 19.92
N LEU B 195 11.84 -11.87 18.70
CA LEU B 195 11.54 -12.69 17.53
C LEU B 195 12.20 -14.06 17.55
N ALA B 196 13.43 -14.13 17.97
CA ALA B 196 14.12 -15.44 18.12
C ALA B 196 13.55 -16.39 19.12
N ALA B 197 12.81 -15.88 20.07
CA ALA B 197 12.25 -16.73 21.09
C ALA B 197 10.83 -17.26 20.63
N LEU B 198 10.25 -16.76 19.56
CA LEU B 198 8.97 -17.30 19.02
C LEU B 198 9.23 -18.62 18.21
N PRO B 199 8.17 -19.42 17.88
CA PRO B 199 8.28 -20.59 16.90
C PRO B 199 8.72 -20.19 15.50
N GLN B 200 9.87 -20.67 15.13
CA GLN B 200 10.64 -20.11 14.07
C GLN B 200 10.16 -20.49 12.67
N GLN B 201 9.71 -21.70 12.46
CA GLN B 201 9.37 -22.12 11.08
C GLN B 201 8.19 -21.36 10.58
N CYS B 202 7.24 -21.21 11.44
CA CYS B 202 6.06 -20.52 11.11
C CYS B 202 6.28 -19.00 10.86
N LEU B 203 7.15 -18.39 11.68
CA LEU B 203 7.50 -17.01 11.46
C LEU B 203 8.16 -16.83 10.12
N ARG B 204 9.10 -17.72 9.84
CA ARG B 204 9.82 -17.61 8.65
C ARG B 204 8.99 -17.80 7.34
N SER B 205 8.07 -18.75 7.40
CA SER B 205 7.24 -19.07 6.27
C SER B 205 6.21 -17.95 6.04
N ASP B 206 5.64 -17.39 7.10
CA ASP B 206 4.76 -16.22 6.99
C ASP B 206 5.46 -15.03 6.40
N ARG B 207 6.68 -14.76 6.82
CA ARG B 207 7.35 -13.64 6.26
C ARG B 207 7.61 -13.80 4.77
N LEU B 208 8.02 -14.98 4.38
CA LEU B 208 8.40 -15.14 2.99
C LEU B 208 7.16 -15.16 2.11
N SER B 209 6.04 -15.54 2.64
CA SER B 209 4.77 -15.41 1.95
C SER B 209 4.37 -13.92 1.75
N ALA B 210 4.54 -13.10 2.79
CA ALA B 210 4.34 -11.64 2.66
C ALA B 210 5.21 -10.99 1.66
N LEU B 211 6.46 -11.43 1.56
CA LEU B 211 7.35 -10.87 0.57
C LEU B 211 7.02 -11.32 -0.84
N HIS B 212 6.76 -12.62 -1.02
CA HIS B 212 6.46 -13.14 -2.36
C HIS B 212 5.12 -12.78 -2.92
N GLN B 213 4.15 -12.40 -2.10
CA GLN B 213 2.83 -12.08 -2.65
C GLN B 213 2.80 -10.86 -3.51
N TRP B 214 3.73 -9.88 -3.34
CA TRP B 214 3.69 -8.70 -4.12
C TRP B 214 3.89 -9.09 -5.66
N GLY B 215 3.05 -8.54 -6.53
CA GLY B 215 3.06 -8.88 -7.96
C GLY B 215 2.23 -10.05 -8.30
N LEU B 216 1.83 -10.89 -7.36
CA LEU B 216 1.08 -12.02 -7.69
C LEU B 216 -0.40 -11.78 -7.55
N PRO B 217 -1.17 -12.47 -8.39
CA PRO B 217 -2.60 -12.40 -8.17
C PRO B 217 -2.93 -13.10 -6.92
N GLU B 218 -4.03 -12.69 -6.35
CA GLU B 218 -4.45 -13.23 -5.12
C GLU B 218 -4.52 -14.74 -5.13
N SER B 219 -5.04 -15.35 -6.19
CA SER B 219 -5.20 -16.83 -6.16
C SER B 219 -3.87 -17.57 -5.99
N ALA B 220 -2.90 -17.13 -6.74
CA ALA B 220 -1.63 -17.71 -6.63
C ALA B 220 -0.96 -17.42 -5.25
N ALA B 221 -1.05 -16.16 -4.84
CA ALA B 221 -0.48 -15.70 -3.54
C ALA B 221 -1.14 -16.49 -2.48
N LEU B 222 -2.43 -16.79 -2.54
CA LEU B 222 -3.05 -17.60 -1.52
C LEU B 222 -2.54 -19.06 -1.55
N ASP B 223 -2.24 -19.51 -2.77
CA ASP B 223 -1.77 -20.90 -2.85
C ASP B 223 -0.30 -21.01 -2.41
N LEU B 224 0.52 -20.00 -2.73
CA LEU B 224 1.89 -19.92 -2.15
C LEU B 224 1.85 -19.97 -0.61
N GLU B 225 0.99 -19.12 -0.02
CA GLU B 225 0.87 -19.06 1.42
C GLU B 225 0.47 -20.35 2.03
N PHE B 226 -0.45 -21.05 1.37
CA PHE B 226 -0.97 -22.30 1.91
C PHE B 226 0.05 -23.39 2.12
N ALA B 227 1.11 -23.34 1.36
CA ALA B 227 2.22 -24.27 1.55
C ALA B 227 2.83 -24.22 2.94
N SER B 228 2.57 -23.14 3.70
CA SER B 228 3.16 -23.02 5.01
C SER B 228 2.70 -24.10 5.88
N ILE B 229 1.45 -24.54 5.74
CA ILE B 229 0.99 -25.58 6.63
C ILE B 229 1.79 -26.87 6.45
N ALA B 230 2.15 -27.22 5.24
CA ALA B 230 3.02 -28.45 5.02
C ALA B 230 4.43 -28.20 5.45
N ARG B 231 4.95 -27.00 5.21
CA ARG B 231 6.29 -26.67 5.65
C ARG B 231 6.49 -26.71 7.14
N VAL B 232 5.57 -26.23 7.92
CA VAL B 232 5.77 -26.11 9.34
C VAL B 232 4.98 -27.15 10.06
N ALA B 233 4.48 -28.20 9.39
CA ALA B 233 3.48 -29.08 10.05
C ALA B 233 3.97 -29.57 11.42
N GLY B 234 5.26 -29.98 11.52
CA GLY B 234 5.92 -30.36 12.84
C GLY B 234 5.63 -29.38 13.99
N GLU B 235 6.03 -28.11 13.80
CA GLU B 235 5.72 -27.04 14.72
C GLU B 235 4.19 -26.78 14.99
N ALA B 236 3.38 -26.71 13.93
CA ALA B 236 1.91 -26.49 14.13
C ALA B 236 1.25 -27.58 15.01
N LEU B 237 1.72 -28.85 14.89
CA LEU B 237 1.32 -29.99 15.80
C LEU B 237 1.58 -29.58 17.27
N GLU B 238 2.84 -29.19 17.55
CA GLU B 238 3.28 -28.71 18.90
C GLU B 238 2.47 -27.45 19.36
N GLY B 239 1.93 -26.68 18.40
CA GLY B 239 0.95 -25.60 18.70
C GLY B 239 -0.45 -25.99 19.23
N ALA B 240 -1.13 -26.91 18.53
CA ALA B 240 -2.41 -27.51 19.00
C ALA B 240 -2.37 -28.11 20.42
N ARG B 241 -1.30 -28.86 20.72
CA ARG B 241 -1.01 -29.37 22.07
C ARG B 241 -1.40 -28.38 23.19
N ASP C 3 -8.79 28.53 -24.64
CA ASP C 3 -9.77 29.05 -23.67
C ASP C 3 -10.31 27.94 -22.69
N LEU C 4 -10.59 26.73 -23.15
CA LEU C 4 -11.03 25.65 -22.23
C LEU C 4 -9.86 25.26 -21.29
N VAL C 5 -8.68 25.26 -21.87
CA VAL C 5 -7.47 24.91 -21.18
C VAL C 5 -6.39 25.90 -21.60
N ARG C 6 -5.67 26.51 -20.66
CA ARG C 6 -4.59 27.41 -20.94
C ARG C 6 -3.28 26.75 -20.50
N VAL C 7 -2.20 27.03 -21.18
CA VAL C 7 -0.91 26.57 -20.86
C VAL C 7 0.03 27.75 -20.68
N GLU C 8 0.74 27.82 -19.56
CA GLU C 8 1.67 28.90 -19.23
C GLU C 8 2.97 28.28 -18.80
N ARG C 9 4.08 28.83 -19.28
CA ARG C 9 5.43 28.33 -19.03
C ARG C 9 6.27 29.32 -18.23
N LYS C 10 7.08 28.84 -17.30
CA LYS C 10 8.05 29.64 -16.54
C LYS C 10 9.29 28.77 -16.49
N GLY C 11 10.21 29.08 -17.36
CA GLY C 11 11.45 28.31 -17.49
C GLY C 11 11.03 26.90 -17.88
N ARG C 12 11.53 25.94 -17.10
CA ARG C 12 11.35 24.55 -17.40
C ARG C 12 10.03 23.92 -16.80
N VAL C 13 9.17 24.75 -16.25
CA VAL C 13 7.87 24.39 -15.69
C VAL C 13 6.69 24.86 -16.54
N THR C 14 5.88 23.92 -16.99
CA THR C 14 4.69 24.18 -17.74
C THR C 14 3.50 23.94 -16.87
N THR C 15 2.70 24.93 -16.74
CA THR C 15 1.47 24.90 -16.03
C THR C 15 0.33 24.75 -16.96
N VAL C 16 -0.47 23.69 -16.77
CA VAL C 16 -1.62 23.42 -17.55
C VAL C 16 -2.78 23.75 -16.72
N ILE C 17 -3.67 24.56 -17.22
CA ILE C 17 -4.71 25.20 -16.45
C ILE C 17 -6.05 24.87 -17.00
N LEU C 18 -6.89 24.36 -16.13
CA LEU C 18 -8.23 24.01 -16.51
C LEU C 18 -9.02 25.23 -16.22
N ASN C 19 -9.82 25.67 -17.20
CA ASN C 19 -10.32 27.04 -17.18
C ASN C 19 -11.78 27.14 -17.51
N ARG C 20 -12.61 26.38 -16.80
CA ARG C 20 -14.05 26.43 -16.92
C ARG C 20 -14.63 26.64 -15.52
N PRO C 21 -14.22 27.71 -14.84
CA PRO C 21 -14.71 27.87 -13.43
C PRO C 21 -16.21 27.89 -13.30
N ALA C 22 -16.92 28.38 -14.30
CA ALA C 22 -18.37 28.36 -14.26
C ALA C 22 -19.00 26.96 -14.30
N SER C 23 -18.29 25.90 -14.73
CA SER C 23 -18.81 24.48 -14.61
C SER C 23 -18.06 23.65 -13.53
N ARG C 24 -17.52 24.35 -12.54
CA ARG C 24 -16.61 23.80 -11.48
C ARG C 24 -15.47 22.96 -12.10
N ASN C 25 -15.02 23.41 -13.27
CA ASN C 25 -13.97 22.83 -14.03
C ASN C 25 -14.28 21.35 -14.39
N ALA C 26 -15.54 21.08 -14.71
CA ALA C 26 -15.93 19.84 -15.26
C ALA C 26 -15.28 19.74 -16.64
N VAL C 27 -14.96 18.52 -17.06
CA VAL C 27 -14.20 18.29 -18.30
C VAL C 27 -15.20 17.63 -19.22
N ASN C 28 -15.53 18.30 -20.30
CA ASN C 28 -16.34 17.72 -21.40
C ASN C 28 -15.39 17.24 -22.47
N GLY C 29 -15.93 16.79 -23.59
CA GLY C 29 -15.10 16.17 -24.68
C GLY C 29 -14.04 17.09 -25.20
N PRO C 30 -14.40 18.34 -25.49
CA PRO C 30 -13.33 19.21 -26.04
C PRO C 30 -12.25 19.60 -25.02
N THR C 31 -12.66 19.71 -23.77
CA THR C 31 -11.72 20.06 -22.71
C THR C 31 -10.74 18.89 -22.54
N ALA C 32 -11.27 17.67 -22.60
CA ALA C 32 -10.41 16.47 -22.49
C ALA C 32 -9.40 16.39 -23.62
N ALA C 33 -9.87 16.76 -24.80
CA ALA C 33 -8.97 16.74 -25.94
C ALA C 33 -7.90 17.80 -25.80
N ALA C 34 -8.29 18.97 -25.31
CA ALA C 34 -7.30 20.03 -25.09
C ALA C 34 -6.26 19.65 -24.00
N LEU C 35 -6.68 18.91 -22.96
CA LEU C 35 -5.72 18.46 -21.88
C LEU C 35 -4.79 17.48 -22.42
N CYS C 36 -5.29 16.53 -23.23
CA CYS C 36 -4.39 15.63 -23.91
C CYS C 36 -3.35 16.31 -24.77
N ALA C 37 -3.81 17.26 -25.57
CA ALA C 37 -2.88 17.97 -26.46
C ALA C 37 -1.82 18.70 -25.65
N ALA C 38 -2.22 19.32 -24.54
CA ALA C 38 -1.26 20.07 -23.73
C ALA C 38 -0.24 19.13 -23.06
N PHE C 39 -0.69 17.92 -22.68
CA PHE C 39 0.26 16.97 -22.08
C PHE C 39 1.12 16.28 -23.09
N GLU C 40 0.56 16.03 -24.28
CA GLU C 40 1.35 15.46 -25.38
C GLU C 40 2.48 16.38 -25.74
N GLN C 41 2.18 17.67 -25.77
CA GLN C 41 3.15 18.69 -26.15
C GLN C 41 4.23 18.72 -25.07
N PHE C 42 3.81 18.75 -23.80
CA PHE C 42 4.78 18.75 -22.64
C PHE C 42 5.72 17.55 -22.68
N ASP C 43 5.15 16.38 -22.94
CA ASP C 43 5.93 15.17 -22.99
C ASP C 43 7.05 15.22 -24.06
N ARG C 44 6.71 15.76 -25.24
CA ARG C 44 7.63 15.95 -26.38
C ARG C 44 8.61 17.18 -26.29
N ASP C 45 8.26 18.17 -25.51
CA ASP C 45 9.01 19.37 -25.34
C ASP C 45 10.32 19.20 -24.51
N ASP C 46 11.47 19.13 -25.20
CA ASP C 46 12.79 19.01 -24.51
C ASP C 46 13.14 20.21 -23.63
N ALA C 47 12.48 21.35 -23.78
CA ALA C 47 12.69 22.46 -22.87
C ALA C 47 11.83 22.43 -21.61
N ALA C 48 10.88 21.48 -21.52
CA ALA C 48 9.96 21.42 -20.34
C ALA C 48 10.35 20.19 -19.49
N SER C 49 10.47 20.40 -18.20
CA SER C 49 10.97 19.37 -17.28
C SER C 49 9.87 18.78 -16.33
N VAL C 50 8.99 19.65 -15.82
CA VAL C 50 7.96 19.33 -14.88
C VAL C 50 6.73 20.11 -15.23
N ALA C 51 5.55 19.49 -15.11
CA ALA C 51 4.26 20.17 -15.30
C ALA C 51 3.53 20.28 -14.01
N VAL C 52 2.65 21.26 -13.97
CA VAL C 52 1.70 21.47 -12.91
C VAL C 52 0.34 21.49 -13.49
N LEU C 53 -0.62 20.81 -12.88
CA LEU C 53 -1.97 20.82 -13.33
C LEU C 53 -2.76 21.56 -12.34
N TRP C 54 -3.54 22.54 -12.76
CA TRP C 54 -4.18 23.48 -11.81
C TRP C 54 -5.50 23.91 -12.38
N GLY C 55 -6.52 23.95 -11.55
CA GLY C 55 -7.80 24.37 -11.97
C GLY C 55 -7.96 25.84 -11.53
N ALA C 56 -8.37 26.69 -12.46
CA ALA C 56 -8.58 28.12 -12.20
C ALA C 56 -9.91 28.35 -11.51
N GLY C 57 -9.93 29.43 -10.70
CA GLY C 57 -11.19 29.94 -10.14
C GLY C 57 -11.64 29.31 -8.86
N GLY C 58 -10.73 28.77 -8.08
CA GLY C 58 -11.07 28.25 -6.75
C GLY C 58 -11.35 26.75 -6.61
N THR C 59 -11.27 25.97 -7.70
CA THR C 59 -11.59 24.58 -7.68
C THR C 59 -10.74 23.79 -8.71
N PHE C 60 -10.40 22.54 -8.40
CA PHE C 60 -9.57 21.74 -9.30
C PHE C 60 -10.39 21.17 -10.45
N CYS C 61 -11.33 20.27 -10.18
CA CYS C 61 -12.01 19.56 -11.24
C CYS C 61 -13.08 18.76 -10.59
N ALA C 62 -14.31 18.92 -11.05
CA ALA C 62 -15.45 18.14 -10.56
C ALA C 62 -15.77 16.90 -11.40
N GLY C 63 -14.94 16.54 -12.35
CA GLY C 63 -15.14 15.29 -13.06
C GLY C 63 -15.65 15.55 -14.48
N ALA C 64 -16.24 14.54 -15.04
CA ALA C 64 -16.84 14.60 -16.36
C ALA C 64 -17.99 15.58 -16.36
N ASP C 65 -18.19 16.22 -17.48
CA ASP C 65 -19.30 17.18 -17.62
C ASP C 65 -20.53 16.42 -18.03
N LEU C 66 -21.22 15.91 -17.04
CA LEU C 66 -22.38 15.09 -17.31
C LEU C 66 -23.50 15.82 -18.06
N LYS C 67 -23.69 17.12 -17.84
CA LYS C 67 -24.66 17.94 -18.68
C LYS C 67 -24.35 17.79 -20.17
N ALA C 68 -23.09 17.71 -20.57
CA ALA C 68 -22.75 17.58 -21.97
C ALA C 68 -23.12 16.24 -22.59
N PHE C 69 -23.59 15.29 -21.76
CA PHE C 69 -24.02 14.00 -22.25
C PHE C 69 -25.16 14.13 -23.26
N GLY C 70 -25.08 13.36 -24.33
CA GLY C 70 -26.00 13.45 -25.46
C GLY C 70 -25.78 14.61 -26.43
N THR C 71 -24.78 15.43 -26.21
CA THR C 71 -24.54 16.60 -27.04
C THR C 71 -23.29 16.33 -27.81
N PRO C 72 -23.01 17.16 -28.82
CA PRO C 72 -21.69 16.94 -29.49
C PRO C 72 -20.44 17.24 -28.61
N GLU C 73 -20.60 17.85 -27.45
CA GLU C 73 -19.49 18.13 -26.56
C GLU C 73 -19.30 17.01 -25.45
N ALA C 74 -20.03 15.92 -25.56
CA ALA C 74 -19.97 14.80 -24.63
C ALA C 74 -18.56 14.23 -24.55
N ASN C 75 -18.20 13.71 -23.37
CA ASN C 75 -16.90 13.00 -23.21
C ASN C 75 -16.81 11.86 -24.17
N SER C 76 -15.63 11.57 -24.73
CA SER C 76 -15.48 10.39 -25.57
C SER C 76 -15.05 9.21 -24.69
N VAL C 77 -15.80 8.11 -24.81
CA VAL C 77 -15.67 6.92 -24.01
C VAL C 77 -15.29 5.79 -24.94
N HIS C 78 -14.04 5.45 -25.02
CA HIS C 78 -13.59 4.37 -25.91
C HIS C 78 -12.58 3.53 -25.18
N ARG C 79 -12.51 2.29 -25.61
CA ARG C 79 -11.58 1.28 -25.09
C ARG C 79 -10.13 1.63 -25.30
N THR C 80 -9.80 2.36 -26.34
CA THR C 80 -8.39 2.75 -26.58
C THR C 80 -8.42 4.22 -26.90
N GLY C 81 -7.22 4.78 -27.14
CA GLY C 81 -7.02 6.20 -27.31
C GLY C 81 -7.19 6.87 -25.92
N PRO C 82 -7.44 8.17 -25.89
CA PRO C 82 -7.48 8.88 -24.59
C PRO C 82 -8.63 8.40 -23.71
N GLY C 83 -8.42 8.46 -22.39
CA GLY C 83 -9.55 8.21 -21.51
C GLY C 83 -10.57 9.38 -21.56
N PRO C 84 -11.73 9.20 -20.95
CA PRO C 84 -12.78 10.20 -20.91
C PRO C 84 -12.40 11.53 -20.28
N MET C 85 -11.52 11.52 -19.28
CA MET C 85 -11.06 12.82 -18.72
C MET C 85 -9.90 13.46 -19.47
N GLY C 86 -9.34 12.77 -20.45
CA GLY C 86 -8.22 13.27 -21.19
C GLY C 86 -6.97 12.44 -21.06
N PRO C 87 -6.01 12.91 -20.24
CA PRO C 87 -4.71 12.28 -20.16
C PRO C 87 -4.53 11.11 -19.18
N SER C 88 -5.60 10.63 -18.61
CA SER C 88 -5.52 9.66 -17.52
C SER C 88 -4.95 8.28 -17.86
N ARG C 89 -4.87 7.93 -19.16
CA ARG C 89 -4.18 6.74 -19.59
C ARG C 89 -2.73 6.94 -19.98
N MET C 90 -2.25 8.14 -19.97
CA MET C 90 -0.91 8.38 -20.44
C MET C 90 0.03 8.06 -19.30
N MET C 91 1.14 7.43 -19.67
CA MET C 91 2.27 7.43 -18.78
C MET C 91 3.33 8.37 -19.36
N LEU C 92 3.40 9.58 -18.84
CA LEU C 92 4.36 10.61 -19.24
C LEU C 92 5.77 10.26 -18.88
N SER C 93 6.70 10.78 -19.67
CA SER C 93 8.17 10.55 -19.47
C SER C 93 8.67 11.42 -18.30
N LYS C 94 7.86 12.42 -17.92
CA LYS C 94 8.18 13.46 -16.96
C LYS C 94 7.01 13.69 -15.99
N PRO C 95 7.32 14.14 -14.77
CA PRO C 95 6.32 14.30 -13.73
C PRO C 95 5.41 15.48 -13.85
N VAL C 96 4.25 15.33 -13.21
CA VAL C 96 3.22 16.33 -13.09
C VAL C 96 2.78 16.47 -11.67
N ILE C 97 2.72 17.69 -11.20
CA ILE C 97 2.21 18.03 -9.87
C ILE C 97 0.83 18.58 -9.96
N ALA C 98 -0.14 18.04 -9.19
CA ALA C 98 -1.43 18.57 -9.16
C ALA C 98 -1.52 19.64 -8.05
N ALA C 99 -2.10 20.78 -8.39
CA ALA C 99 -2.26 21.96 -7.51
C ALA C 99 -3.71 22.09 -7.24
N VAL C 100 -4.17 21.52 -6.12
CA VAL C 100 -5.56 21.26 -5.86
C VAL C 100 -6.12 22.32 -4.93
N SER C 101 -7.12 23.01 -5.42
CA SER C 101 -7.93 23.90 -4.59
C SER C 101 -9.33 23.41 -4.70
N GLY C 102 -10.17 23.74 -3.75
CA GLY C 102 -11.54 23.36 -3.76
C GLY C 102 -11.69 21.84 -3.92
N TYR C 103 -12.59 21.41 -4.79
CA TYR C 103 -12.93 20.01 -4.99
C TYR C 103 -12.07 19.32 -6.05
N ALA C 104 -11.57 18.12 -5.72
CA ALA C 104 -11.02 17.21 -6.72
C ALA C 104 -11.82 15.98 -6.58
N VAL C 105 -12.92 15.88 -7.32
CA VAL C 105 -13.85 14.83 -7.13
C VAL C 105 -14.22 14.09 -8.40
N ALA C 106 -14.59 12.81 -8.24
CA ALA C 106 -14.98 11.97 -9.36
C ALA C 106 -13.87 11.96 -10.38
N GLY C 107 -14.12 12.24 -11.65
CA GLY C 107 -13.01 12.22 -12.60
C GLY C 107 -11.95 13.19 -12.27
N GLY C 108 -12.30 14.25 -11.50
CA GLY C 108 -11.30 15.21 -11.08
C GLY C 108 -10.33 14.64 -10.05
N LEU C 109 -10.81 13.73 -9.21
CA LEU C 109 -9.95 13.00 -8.27
C LEU C 109 -9.01 12.05 -9.08
N GLU C 110 -9.55 11.46 -10.12
CA GLU C 110 -8.74 10.62 -11.00
C GLU C 110 -7.67 11.36 -11.67
N LEU C 111 -7.94 12.58 -12.14
CA LEU C 111 -6.79 13.39 -12.67
C LEU C 111 -5.77 13.71 -11.62
N ALA C 112 -6.23 14.01 -10.42
CA ALA C 112 -5.27 14.28 -9.35
C ALA C 112 -4.40 13.04 -8.98
N LEU C 113 -4.98 11.88 -9.05
CA LEU C 113 -4.26 10.62 -8.73
C LEU C 113 -3.30 10.23 -9.80
N TRP C 114 -3.62 10.64 -11.03
CA TRP C 114 -2.73 10.44 -12.14
C TRP C 114 -1.47 11.28 -12.05
N CYS C 115 -1.59 12.43 -11.42
CA CYS C 115 -0.41 13.18 -11.15
C CYS C 115 0.55 12.53 -10.18
N ASP C 116 1.82 12.86 -10.29
CA ASP C 116 2.83 12.33 -9.41
C ASP C 116 2.75 12.77 -7.96
N LEU C 117 2.38 14.01 -7.74
CA LEU C 117 2.27 14.58 -6.40
C LEU C 117 1.10 15.47 -6.38
N ARG C 118 0.54 15.65 -5.20
CA ARG C 118 -0.62 16.48 -5.04
C ARG C 118 -0.32 17.51 -3.90
N VAL C 119 -0.49 18.78 -4.23
CA VAL C 119 -0.36 19.92 -3.28
C VAL C 119 -1.76 20.42 -3.12
N ALA C 120 -2.33 20.37 -1.95
CA ALA C 120 -3.65 20.71 -1.75
C ALA C 120 -3.72 21.93 -0.79
N GLU C 121 -4.79 22.69 -0.93
CA GLU C 121 -5.06 23.84 -0.08
C GLU C 121 -5.77 23.31 1.13
N GLU C 122 -5.70 24.04 2.25
CA GLU C 122 -6.26 23.55 3.54
C GLU C 122 -7.72 23.21 3.47
N ASP C 123 -8.39 23.92 2.64
CA ASP C 123 -9.81 23.92 2.41
C ASP C 123 -10.23 22.79 1.38
N ALA C 124 -9.27 22.21 0.66
CA ALA C 124 -9.59 21.23 -0.45
C ALA C 124 -10.25 19.92 0.01
N VAL C 125 -11.02 19.33 -0.88
CA VAL C 125 -11.71 18.12 -0.61
C VAL C 125 -11.44 17.13 -1.81
N PHE C 126 -11.15 15.86 -1.48
CA PHE C 126 -10.91 14.81 -2.48
C PHE C 126 -12.05 13.82 -2.28
N GLY C 127 -12.66 13.29 -3.32
CA GLY C 127 -13.69 12.29 -3.07
C GLY C 127 -14.17 11.61 -4.33
N VAL C 128 -14.66 10.40 -4.18
CA VAL C 128 -15.24 9.59 -5.22
C VAL C 128 -16.72 9.94 -5.32
N PHE C 129 -17.01 11.18 -5.70
CA PHE C 129 -18.40 11.65 -5.71
C PHE C 129 -19.27 11.06 -6.79
N CYS C 130 -18.67 10.48 -7.84
CA CYS C 130 -19.42 9.70 -8.80
C CYS C 130 -20.10 8.54 -8.19
N ARG C 131 -19.67 8.09 -7.03
CA ARG C 131 -20.43 7.05 -6.30
C ARG C 131 -21.88 7.42 -6.07
N ARG C 132 -22.10 8.67 -5.74
CA ARG C 132 -23.44 9.15 -5.43
C ARG C 132 -24.35 9.20 -6.68
N TRP C 133 -23.77 9.53 -7.85
CA TRP C 133 -24.50 9.76 -9.12
C TRP C 133 -24.65 8.44 -9.94
N GLY C 134 -23.85 7.42 -9.66
CA GLY C 134 -23.96 6.10 -10.38
C GLY C 134 -23.24 6.13 -11.74
N VAL C 135 -22.03 6.68 -11.74
CA VAL C 135 -21.16 6.76 -12.94
C VAL C 135 -19.84 6.14 -12.52
N PRO C 136 -19.24 5.27 -13.36
CA PRO C 136 -18.15 4.48 -12.82
C PRO C 136 -16.85 5.19 -12.86
N LEU C 137 -15.90 4.75 -12.01
CA LEU C 137 -14.52 5.22 -12.17
C LEU C 137 -13.85 4.46 -13.37
N ILE C 138 -13.62 5.16 -14.47
CA ILE C 138 -12.92 4.56 -15.62
C ILE C 138 -11.81 5.45 -16.12
N ASP C 139 -11.23 6.24 -15.23
CA ASP C 139 -10.07 7.01 -15.54
C ASP C 139 -8.94 6.66 -14.54
N GLY C 140 -8.93 5.42 -14.07
CA GLY C 140 -7.80 4.90 -13.27
C GLY C 140 -7.92 5.00 -11.75
N GLY C 141 -9.03 5.55 -11.26
CA GLY C 141 -9.17 5.68 -9.81
C GLY C 141 -9.10 4.37 -9.07
N THR C 142 -9.74 3.29 -9.61
CA THR C 142 -9.71 2.04 -8.93
C THR C 142 -8.34 1.37 -8.97
N VAL C 143 -7.51 1.77 -9.91
CA VAL C 143 -6.20 1.26 -10.10
C VAL C 143 -5.24 2.05 -9.27
N ARG C 144 -5.34 3.37 -9.34
CA ARG C 144 -4.34 4.18 -8.71
C ARG C 144 -4.51 4.38 -7.16
N LEU C 145 -5.74 4.51 -6.73
CA LEU C 145 -5.98 4.86 -5.33
C LEU C 145 -5.44 3.77 -4.41
N PRO C 146 -5.69 2.46 -4.72
CA PRO C 146 -5.10 1.49 -3.77
C PRO C 146 -3.66 1.48 -3.74
N ARG C 147 -3.02 1.75 -4.88
CA ARG C 147 -1.58 1.85 -4.92
C ARG C 147 -1.02 3.05 -4.15
N LEU C 148 -1.73 4.13 -4.21
CA LEU C 148 -1.30 5.39 -3.58
C LEU C 148 -1.40 5.35 -2.06
N ILE C 149 -2.46 4.76 -1.49
CA ILE C 149 -2.74 4.87 -0.02
C ILE C 149 -3.11 3.57 0.63
N GLY C 150 -3.01 2.48 -0.14
CA GLY C 150 -3.28 1.15 0.40
C GLY C 150 -4.69 0.76 0.16
N HIS C 151 -4.95 -0.53 0.13
CA HIS C 151 -6.24 -1.00 -0.16
C HIS C 151 -7.34 -0.60 0.82
N SER C 152 -7.06 -0.65 2.12
CA SER C 152 -8.08 -0.39 3.12
C SER C 152 -8.66 1.02 3.00
N ARG C 153 -7.78 2.02 3.00
CA ARG C 153 -8.22 3.40 2.81
C ARG C 153 -8.87 3.71 1.45
N ALA C 154 -8.33 3.11 0.37
CA ALA C 154 -8.89 3.24 -0.90
C ALA C 154 -10.26 2.63 -0.88
N MET C 155 -10.49 1.47 -0.30
CA MET C 155 -11.81 0.88 -0.35
C MET C 155 -12.84 1.71 0.44
N ASP C 156 -12.40 2.35 1.50
CA ASP C 156 -13.27 3.29 2.25
C ASP C 156 -13.71 4.46 1.32
N MET C 157 -12.75 5.13 0.69
CA MET C 157 -13.06 6.14 -0.25
C MET C 157 -13.96 5.67 -1.41
N ILE C 158 -13.62 4.55 -2.05
CA ILE C 158 -14.32 4.08 -3.17
C ILE C 158 -15.70 3.63 -2.84
N LEU C 159 -15.89 2.90 -1.76
CA LEU C 159 -17.20 2.40 -1.51
C LEU C 159 -18.16 3.55 -1.03
N THR C 160 -17.66 4.35 -0.12
CA THR C 160 -18.52 5.38 0.54
C THR C 160 -18.71 6.60 -0.32
N GLY C 161 -17.74 6.93 -1.19
CA GLY C 161 -17.78 8.14 -1.90
C GLY C 161 -17.62 9.42 -1.02
N ARG C 162 -17.20 9.29 0.23
CA ARG C 162 -17.13 10.42 1.13
C ARG C 162 -16.06 11.42 0.72
N GLY C 163 -16.29 12.68 1.11
CA GLY C 163 -15.29 13.70 0.93
C GLY C 163 -14.24 13.61 1.98
N VAL C 164 -13.02 13.64 1.56
CA VAL C 164 -11.87 13.56 2.42
C VAL C 164 -11.21 14.97 2.42
N PRO C 165 -11.22 15.64 3.57
CA PRO C 165 -10.58 16.96 3.61
C PRO C 165 -9.11 16.88 3.60
N ALA C 166 -8.49 17.98 3.27
CA ALA C 166 -7.07 18.02 3.08
C ALA C 166 -6.23 17.50 4.24
N ASP C 167 -6.61 17.78 5.47
CA ASP C 167 -5.78 17.31 6.58
C ASP C 167 -5.84 15.78 6.68
N GLU C 168 -7.01 15.20 6.44
CA GLU C 168 -7.13 13.75 6.52
C GLU C 168 -6.32 13.15 5.31
N ALA C 169 -6.39 13.82 4.17
CA ALA C 169 -5.71 13.40 2.97
C ALA C 169 -4.24 13.42 3.17
N LEU C 170 -3.78 14.41 3.86
CA LEU C 170 -2.32 14.46 4.20
C LEU C 170 -1.88 13.32 5.15
N ALA C 171 -2.69 13.02 6.12
CA ALA C 171 -2.42 11.88 7.03
C ALA C 171 -2.53 10.51 6.34
N MET C 172 -3.35 10.37 5.29
CA MET C 172 -3.48 9.10 4.52
C MET C 172 -2.39 8.99 3.48
N GLY C 173 -1.68 10.08 3.22
CA GLY C 173 -0.75 10.10 2.14
C GLY C 173 -1.34 10.46 0.79
N LEU C 174 -2.62 10.77 0.71
CA LEU C 174 -3.21 11.16 -0.54
C LEU C 174 -2.71 12.56 -0.97
N ALA C 175 -2.74 13.56 -0.04
CA ALA C 175 -2.06 14.86 -0.27
C ALA C 175 -0.58 14.76 0.15
N ASN C 176 0.34 15.26 -0.66
CA ASN C 176 1.68 15.26 -0.33
C ASN C 176 2.08 16.56 0.48
N ARG C 177 1.38 17.61 0.20
CA ARG C 177 1.63 18.92 0.85
C ARG C 177 0.30 19.55 1.05
N VAL C 178 0.15 20.29 2.14
CA VAL C 178 -1.03 21.07 2.45
C VAL C 178 -0.55 22.54 2.69
N VAL C 179 -1.18 23.48 1.99
CA VAL C 179 -0.79 24.88 1.97
C VAL C 179 -2.04 25.73 2.19
N PRO C 180 -1.85 27.02 2.51
CA PRO C 180 -3.07 27.82 2.79
C PRO C 180 -3.90 28.10 1.55
N LYS C 181 -5.13 28.47 1.78
CA LYS C 181 -6.10 28.84 0.69
C LYS C 181 -5.50 29.80 -0.34
N GLY C 182 -5.74 29.53 -1.64
CA GLY C 182 -5.10 30.24 -2.73
C GLY C 182 -3.66 30.01 -2.98
N GLN C 183 -2.92 29.26 -2.15
CA GLN C 183 -1.49 29.04 -2.44
C GLN C 183 -1.13 27.78 -3.28
N ALA C 184 -2.11 26.99 -3.71
CA ALA C 184 -1.73 25.68 -4.33
C ALA C 184 -0.90 25.86 -5.58
N ARG C 185 -1.33 26.77 -6.45
CA ARG C 185 -0.58 26.99 -7.67
C ARG C 185 0.82 27.41 -7.40
N GLN C 186 1.01 28.37 -6.50
CA GLN C 186 2.34 28.88 -6.33
C GLN C 186 3.24 27.83 -5.66
N ALA C 187 2.67 27.13 -4.68
CA ALA C 187 3.47 26.11 -3.97
C ALA C 187 3.82 24.96 -4.94
N ALA C 188 2.89 24.59 -5.82
CA ALA C 188 3.20 23.55 -6.81
C ALA C 188 4.24 23.97 -7.80
N GLU C 189 4.11 25.21 -8.24
CA GLU C 189 5.11 25.74 -9.19
C GLU C 189 6.49 25.87 -8.58
N GLU C 190 6.54 26.25 -7.33
CA GLU C 190 7.83 26.26 -6.58
C GLU C 190 8.43 24.87 -6.38
N LEU C 191 7.60 23.91 -5.99
CA LEU C 191 8.06 22.51 -5.95
C LEU C 191 8.52 22.03 -7.29
N ALA C 192 7.74 22.34 -8.35
CA ALA C 192 8.17 21.96 -9.71
C ALA C 192 9.52 22.50 -10.16
N ALA C 193 9.79 23.75 -9.81
CA ALA C 193 11.07 24.39 -10.15
C ALA C 193 12.25 23.73 -9.37
N GLN C 194 11.98 23.36 -8.12
CA GLN C 194 12.98 22.56 -7.40
C GLN C 194 13.25 21.30 -8.07
N LEU C 195 12.21 20.61 -8.54
CA LEU C 195 12.48 19.32 -9.26
C LEU C 195 13.22 19.54 -10.55
N ALA C 196 12.84 20.62 -11.24
CA ALA C 196 13.51 20.99 -12.52
C ALA C 196 14.95 21.39 -12.38
N ALA C 197 15.32 21.86 -11.20
CA ALA C 197 16.74 22.08 -10.92
C ALA C 197 17.58 20.81 -10.64
N LEU C 198 17.01 19.61 -10.42
CA LEU C 198 17.89 18.41 -10.07
C LEU C 198 18.41 17.73 -11.32
N PRO C 199 19.37 16.76 -11.23
CA PRO C 199 19.73 15.95 -12.41
C PRO C 199 18.60 15.06 -13.00
N GLN C 200 18.28 15.28 -14.26
CA GLN C 200 16.95 14.93 -14.76
C GLN C 200 16.84 13.48 -15.17
N GLN C 201 17.93 12.91 -15.68
CA GLN C 201 17.80 11.58 -16.32
C GLN C 201 17.56 10.61 -15.21
N CYS C 202 18.21 10.83 -14.11
CA CYS C 202 18.12 9.89 -13.03
C CYS C 202 16.73 10.01 -12.32
N LEU C 203 16.31 11.23 -12.11
CA LEU C 203 14.94 11.52 -11.61
C LEU C 203 13.85 10.83 -12.43
N ARG C 204 13.94 10.93 -13.75
CA ARG C 204 12.88 10.37 -14.62
C ARG C 204 12.92 8.87 -14.69
N SER C 205 14.13 8.35 -14.67
CA SER C 205 14.34 6.96 -14.63
C SER C 205 13.78 6.30 -13.34
N ASP C 206 14.17 6.83 -12.21
CA ASP C 206 13.64 6.38 -10.88
C ASP C 206 12.10 6.43 -10.85
N ARG C 207 11.54 7.53 -11.32
CA ARG C 207 10.10 7.67 -11.40
C ARG C 207 9.40 6.56 -12.22
N LEU C 208 9.90 6.31 -13.44
CA LEU C 208 9.30 5.23 -14.27
C LEU C 208 9.45 3.85 -13.65
N SER C 209 10.57 3.59 -13.00
CA SER C 209 10.76 2.34 -12.32
C SER C 209 9.76 2.16 -11.16
N ALA C 210 9.50 3.21 -10.37
CA ALA C 210 8.48 3.18 -9.32
C ALA C 210 7.11 2.91 -9.83
N LEU C 211 6.80 3.45 -11.03
CA LEU C 211 5.49 3.18 -11.70
C LEU C 211 5.39 1.72 -12.22
N HIS C 212 6.41 1.27 -12.91
CA HIS C 212 6.35 -0.11 -13.53
C HIS C 212 6.48 -1.26 -12.57
N GLN C 213 7.12 -1.06 -11.42
CA GLN C 213 7.26 -2.14 -10.49
C GLN C 213 5.93 -2.69 -10.00
N TRP C 214 4.88 -1.89 -10.00
CA TRP C 214 3.63 -2.36 -9.43
C TRP C 214 3.21 -3.47 -10.39
N GLY C 215 2.52 -4.43 -9.94
CA GLY C 215 2.51 -5.61 -10.99
C GLY C 215 3.73 -6.30 -11.72
N LEU C 216 4.88 -6.25 -11.07
CA LEU C 216 5.89 -7.22 -11.22
C LEU C 216 6.19 -7.77 -9.84
N PRO C 217 6.41 -9.07 -9.72
CA PRO C 217 6.98 -9.55 -8.44
C PRO C 217 8.39 -9.03 -8.23
N GLU C 218 8.86 -9.17 -7.01
CA GLU C 218 10.13 -8.53 -6.60
C GLU C 218 11.32 -8.72 -7.54
N SER C 219 11.66 -9.97 -7.79
CA SER C 219 12.86 -10.26 -8.56
C SER C 219 12.79 -9.66 -9.94
N ALA C 220 11.64 -9.79 -10.58
CA ALA C 220 11.54 -9.16 -11.93
C ALA C 220 11.57 -7.63 -11.85
N ALA C 221 10.97 -7.07 -10.81
CA ALA C 221 11.02 -5.65 -10.68
C ALA C 221 12.43 -5.14 -10.43
N LEU C 222 13.18 -5.83 -9.61
CA LEU C 222 14.61 -5.44 -9.38
C LEU C 222 15.40 -5.50 -10.72
N ASP C 223 15.13 -6.51 -11.56
CA ASP C 223 15.74 -6.68 -12.90
C ASP C 223 15.42 -5.50 -13.72
N LEU C 224 14.18 -5.12 -13.69
CA LEU C 224 13.78 -3.96 -14.49
C LEU C 224 14.39 -2.60 -14.04
N GLU C 225 14.48 -2.41 -12.74
CA GLU C 225 15.06 -1.16 -12.20
C GLU C 225 16.56 -1.06 -12.62
N PHE C 226 17.26 -2.18 -12.58
CA PHE C 226 18.63 -2.22 -13.00
C PHE C 226 18.90 -1.67 -14.46
N ALA C 227 17.98 -1.69 -15.41
CA ALA C 227 18.12 -0.84 -16.64
C ALA C 227 18.30 0.74 -16.50
N SER C 228 17.98 1.31 -15.36
CA SER C 228 18.35 2.71 -15.10
C SER C 228 19.87 2.94 -15.24
N ILE C 229 20.69 1.96 -14.87
CA ILE C 229 22.17 2.05 -14.94
C ILE C 229 22.53 2.39 -16.43
N ALA C 230 22.00 1.62 -17.39
CA ALA C 230 22.12 1.89 -18.85
C ALA C 230 21.68 3.32 -19.26
N ARG C 231 20.41 3.66 -18.97
CA ARG C 231 19.74 4.86 -19.52
C ARG C 231 20.48 6.16 -19.20
N VAL C 232 20.97 6.35 -17.96
CA VAL C 232 21.40 7.67 -17.46
C VAL C 232 22.29 7.63 -16.21
#